data_5A5X
#
_entry.id   5A5X
#
_cell.length_a   166.993
_cell.length_b   134.977
_cell.length_c   48.749
_cell.angle_alpha   90.00
_cell.angle_beta   90.00
_cell.angle_gamma   90.00
#
_symmetry.space_group_name_H-M   'P 21 21 2'
#
loop_
_entity.id
_entity.type
_entity.pdbx_description
1 polymer 'MEMBRANE-BOUND LYTIC MUREIN TRANSGLYCOSYLASE F'
2 polymer 'MEMBRANE-BOUND LYTIC MUREIN TRANSGLYCOSYLASE F'
3 non-polymer 1,2-ETHANEDIOL
4 water water
#
loop_
_entity_poly.entity_id
_entity_poly.type
_entity_poly.pdbx_seq_one_letter_code
_entity_poly.pdbx_strand_id
1 'polypeptide(L)'
;RVQKEGVLRVITRNSPATYFQDRNGETGFEYELAKRFAERLGVELKIETADNLDDLYAQLSREGGPALAAAGLTPGREDD
ASVRYSHTYLDVTPQIIYRNGQQRPTRPEDLVGKRI(MSE)VLKGSSHAEQLAELKKQYPELKYEESDAVEVVDLLR
(MSE)VDVGDIDLTLVDSNELA(MSE)NQVYFPNVRVAFDFGEARGLAWALPGGDDDSL(MSE)NEVNAFLDQAKKEGLL
QRLKDRYYGHVDVLGYVGAYTFTQHLQQRLPRYESHFKQSGKQKDTDWRLLAAIGYQESLWQPGATSKTGVRGL(MSE)
(MSE)LTNRTAQA(MSE)GVSNRLDPKQSIQGGSKYFVQIRSELPESIKEPDRSWFALAAYNIGGAHLEDARK(MSE)AE
KEGLNPNKWLDVKK(MSE)LPRLAQKQWYAKTRYGYARGGETVHFVQNVRRYYDILTWVTQPQ(MSE)EGSQIAESGLHL
PGVNKTRPEEDSGDEKL
;
A
2 'polypeptide(L)'
;(MSE)QKEGVLRVITRNSPATYFQDRNGETGFEYELAKRFAERLGVELKIETADNLDDLYAQLSREGGPALAAAGLTPGR
EDDASVRYSHTYLDVTPQIIYRNGQQRPTRPEDLVGKRI(MSE)VLKGSSHAEQLAELKKQYPELKYEESDAVEVVDLLR
(MSE)VDVGDIDLTLVDSNELA(MSE)NQVYFPNVRVAFDFGEARGLAWALPGGDDDSL(MSE)NEVNAFLDQAKKEGLL
QRLKDRYYGHVDVLGYVGAYTFAQHLQQRLPRYESHFKQSGKQKDTDWRLLAAIGYQESLWQPGATSKTGVRGL(MSE)
(MSE)LTNRTAQA(MSE)GVSNRLDPKQSIQGGSKYFVQIRSELPESIKEPDRSWFALAAYNIGGAHLEDARK(MSE)AE
KEGLNPNKWLDVKK(MSE)LPRLAQKQWYAKTRYGYARGGETVHFVQNVRRYYDILTWVTQPQ(MSE)EGSQIAESGLHL
PGVNKTRPEEDSGDEKL
;
B
#
loop_
_chem_comp.id
_chem_comp.type
_chem_comp.name
_chem_comp.formula
EDO non-polymer 1,2-ETHANEDIOL 'C2 H6 O2'
#
# COMPACT_ATOMS: atom_id res chain seq x y z
N ARG A 1 28.71 18.12 -29.21
CA ARG A 1 27.36 18.62 -29.45
C ARG A 1 26.99 19.69 -28.44
N VAL A 2 27.89 19.94 -27.49
CA VAL A 2 27.56 20.87 -26.39
C VAL A 2 27.88 22.36 -26.69
N GLN A 3 29.14 22.76 -26.64
CA GLN A 3 29.46 24.18 -26.80
C GLN A 3 29.10 24.73 -28.18
N LYS A 4 29.49 24.04 -29.23
CA LYS A 4 29.14 24.46 -30.60
C LYS A 4 27.61 24.57 -30.74
N GLU A 5 26.89 23.83 -29.91
CA GLU A 5 25.43 23.90 -29.88
C GLU A 5 24.92 24.75 -28.71
N GLY A 6 25.66 24.75 -27.61
CA GLY A 6 25.33 25.56 -26.45
C GLY A 6 24.56 24.83 -25.38
N VAL A 7 24.23 23.55 -25.62
CA VAL A 7 23.33 22.80 -24.69
C VAL A 7 23.85 21.41 -24.22
N LEU A 8 24.02 21.24 -22.90
CA LEU A 8 24.39 19.92 -22.33
C LEU A 8 23.13 19.15 -21.90
N ARG A 9 22.89 18.01 -22.54
CA ARG A 9 21.77 17.12 -22.23
C ARG A 9 22.11 16.10 -21.16
N VAL A 10 21.46 16.19 -20.00
CA VAL A 10 21.72 15.28 -18.90
C VAL A 10 20.47 14.48 -18.55
N ILE A 11 20.58 13.16 -18.53
CA ILE A 11 19.43 12.33 -18.18
C ILE A 11 19.52 11.92 -16.71
N THR A 12 18.40 11.91 -16.02
CA THR A 12 18.40 11.55 -14.60
C THR A 12 17.06 10.93 -14.22
N ARG A 13 16.88 10.62 -12.94
CA ARG A 13 15.54 10.23 -12.53
C ARG A 13 14.96 11.29 -11.63
N ASN A 14 13.63 11.30 -11.56
CA ASN A 14 12.93 12.22 -10.68
C ASN A 14 12.86 11.56 -9.31
N SER A 15 13.67 12.04 -8.37
CA SER A 15 13.71 11.47 -7.02
C SER A 15 14.38 12.45 -6.07
N PRO A 16 14.11 12.32 -4.76
CA PRO A 16 14.69 13.30 -3.82
C PRO A 16 16.22 13.27 -3.76
N ALA A 17 16.84 12.20 -4.25
CA ALA A 17 18.31 12.10 -4.18
C ALA A 17 18.99 12.65 -5.43
N THR A 18 18.21 12.97 -6.45
CA THR A 18 18.82 13.31 -7.73
C THR A 18 18.33 14.61 -8.32
N TYR A 19 17.03 14.68 -8.59
CA TYR A 19 16.49 15.79 -9.33
C TYR A 19 15.02 15.88 -9.08
N PHE A 20 14.55 17.07 -8.74
CA PHE A 20 13.11 17.27 -8.57
C PHE A 20 12.79 18.76 -8.58
N GLN A 21 11.51 19.10 -8.62
CA GLN A 21 11.06 20.49 -8.61
C GLN A 21 10.68 20.89 -7.20
N ASP A 22 11.18 22.03 -6.72
CA ASP A 22 10.61 22.57 -5.49
C ASP A 22 9.97 23.93 -5.79
N ARG A 23 9.66 24.70 -4.76
CA ARG A 23 8.96 25.95 -5.00
C ARG A 23 9.82 26.94 -5.81
N ASN A 24 11.13 26.72 -5.82
CA ASN A 24 12.01 27.63 -6.56
C ASN A 24 12.37 27.12 -7.95
N GLY A 25 11.85 25.95 -8.30
CA GLY A 25 12.17 25.34 -9.58
C GLY A 25 13.00 24.07 -9.44
N GLU A 26 13.92 23.87 -10.37
CA GLU A 26 14.73 22.64 -10.38
C GLU A 26 15.70 22.59 -9.21
N THR A 27 15.87 21.40 -8.63
CA THR A 27 16.78 21.24 -7.52
C THR A 27 17.24 19.76 -7.40
N GLY A 28 18.08 19.46 -6.42
CA GLY A 28 18.62 18.11 -6.26
C GLY A 28 20.13 18.02 -6.42
N PHE A 29 20.76 17.07 -5.72
CA PHE A 29 22.20 16.86 -5.73
C PHE A 29 22.76 16.75 -7.14
N GLU A 30 22.19 15.84 -7.93
CA GLU A 30 22.66 15.61 -9.29
C GLU A 30 22.39 16.83 -10.14
N TYR A 31 21.24 17.46 -9.93
CA TYR A 31 20.93 18.66 -10.70
C TYR A 31 21.96 19.75 -10.49
N GLU A 32 22.26 20.06 -9.24
CA GLU A 32 23.23 21.12 -8.93
C GLU A 32 24.64 20.77 -9.41
N LEU A 33 25.05 19.51 -9.21
CA LEU A 33 26.37 19.08 -9.68
C LEU A 33 26.46 19.24 -11.20
N ALA A 34 25.42 18.81 -11.89
CA ALA A 34 25.38 18.88 -13.35
C ALA A 34 25.30 20.32 -13.82
N LYS A 35 24.59 21.13 -13.05
CA LYS A 35 24.46 22.55 -13.31
C LYS A 35 25.83 23.26 -13.20
N ARG A 36 26.60 22.90 -12.18
CA ARG A 36 27.94 23.47 -12.02
C ARG A 36 28.87 23.03 -13.16
N PHE A 37 28.73 21.79 -13.60
CA PHE A 37 29.52 21.27 -14.71
C PHE A 37 29.18 22.05 -15.99
N ALA A 38 27.89 22.20 -16.27
CA ALA A 38 27.43 22.96 -17.44
C ALA A 38 28.05 24.35 -17.47
N GLU A 39 28.05 25.01 -16.32
CA GLU A 39 28.59 26.36 -16.22
C GLU A 39 30.08 26.37 -16.52
N ARG A 40 30.80 25.35 -16.03
CA ARG A 40 32.22 25.23 -16.28
C ARG A 40 32.51 25.10 -17.76
N LEU A 41 31.65 24.35 -18.47
CA LEU A 41 31.75 24.21 -19.91
C LEU A 41 31.19 25.42 -20.64
N GLY A 42 30.57 26.33 -19.89
CA GLY A 42 29.93 27.49 -20.47
C GLY A 42 28.79 27.17 -21.43
N VAL A 43 27.99 26.16 -21.08
CA VAL A 43 26.83 25.81 -21.90
C VAL A 43 25.57 25.74 -21.06
N GLU A 44 24.42 25.64 -21.73
CA GLU A 44 23.14 25.56 -21.02
C GLU A 44 22.81 24.12 -20.65
N LEU A 45 22.35 23.90 -19.42
CA LEU A 45 21.97 22.58 -18.96
C LEU A 45 20.51 22.27 -19.29
N LYS A 46 20.27 21.07 -19.83
CA LYS A 46 18.90 20.62 -20.08
C LYS A 46 18.71 19.23 -19.51
N ILE A 47 17.86 19.13 -18.49
CA ILE A 47 17.60 17.86 -17.82
C ILE A 47 16.53 17.05 -18.52
N GLU A 48 16.81 15.76 -18.73
CA GLU A 48 15.80 14.82 -19.20
C GLU A 48 15.57 13.81 -18.10
N THR A 49 14.33 13.37 -17.94
CA THR A 49 14.03 12.38 -16.92
C THR A 49 13.67 11.05 -17.55
N ALA A 50 14.24 9.98 -17.02
CA ALA A 50 13.90 8.65 -17.47
C ALA A 50 12.78 8.11 -16.58
N ASP A 51 11.94 7.24 -17.12
CA ASP A 51 10.86 6.69 -16.31
C ASP A 51 11.39 5.62 -15.36
N ASN A 52 12.53 5.05 -15.69
CA ASN A 52 13.12 3.96 -14.92
C ASN A 52 14.58 3.73 -15.35
N LEU A 53 15.29 2.86 -14.65
CA LEU A 53 16.72 2.73 -14.88
C LEU A 53 17.01 2.05 -16.21
N ASP A 54 16.22 1.05 -16.59
CA ASP A 54 16.46 0.40 -17.88
C ASP A 54 16.28 1.43 -19.00
N ASP A 55 15.25 2.24 -18.86
CA ASP A 55 14.99 3.34 -19.79
C ASP A 55 16.14 4.37 -19.80
N LEU A 56 16.61 4.78 -18.62
CA LEU A 56 17.76 5.67 -18.52
C LEU A 56 18.96 5.18 -19.34
N TYR A 57 19.38 3.95 -19.07
CA TYR A 57 20.55 3.42 -19.76
C TYR A 57 20.32 3.23 -21.26
N ALA A 58 19.08 2.92 -21.61
CA ALA A 58 18.73 2.66 -23.01
C ALA A 58 18.81 3.95 -23.80
N GLN A 59 18.34 5.04 -23.20
CA GLN A 59 18.50 6.34 -23.82
C GLN A 59 19.97 6.74 -23.92
N LEU A 60 20.71 6.49 -22.84
CA LEU A 60 22.12 6.85 -22.81
C LEU A 60 22.89 6.07 -23.90
N SER A 61 22.41 4.86 -24.21
CA SER A 61 23.09 3.98 -25.17
C SER A 61 22.72 4.25 -26.65
N ARG A 62 21.73 5.10 -26.88
CA ARG A 62 21.28 5.44 -28.23
C ARG A 62 22.29 6.35 -28.93
N GLU A 63 22.47 6.18 -30.22
CA GLU A 63 23.20 7.17 -31.01
C GLU A 63 22.48 8.51 -30.88
N GLY A 64 23.21 9.57 -30.55
CA GLY A 64 22.61 10.87 -30.32
C GLY A 64 21.75 10.99 -29.07
N GLY A 65 21.95 10.09 -28.10
CA GLY A 65 21.26 10.20 -26.83
C GLY A 65 21.89 11.30 -25.99
N PRO A 66 21.46 11.44 -24.73
CA PRO A 66 21.99 12.48 -23.83
C PRO A 66 23.50 12.35 -23.63
N ALA A 67 24.15 13.45 -23.27
CA ALA A 67 25.60 13.47 -23.09
C ALA A 67 26.08 12.58 -21.94
N LEU A 68 25.30 12.54 -20.86
CA LEU A 68 25.68 11.77 -19.69
C LEU A 68 24.45 11.56 -18.80
N ALA A 69 24.56 10.59 -17.90
CA ALA A 69 23.52 10.33 -16.91
C ALA A 69 24.06 10.70 -15.56
N ALA A 70 23.29 11.53 -14.84
CA ALA A 70 23.64 11.94 -13.49
C ALA A 70 22.48 11.50 -12.62
N ALA A 71 22.60 10.36 -11.97
CA ALA A 71 21.40 9.71 -11.42
C ALA A 71 21.70 8.73 -10.29
N GLY A 72 22.70 9.04 -9.47
CA GLY A 72 23.10 8.17 -8.38
C GLY A 72 23.45 6.75 -8.80
N LEU A 73 24.13 6.63 -9.94
CA LEU A 73 24.44 5.31 -10.50
C LEU A 73 25.71 4.70 -9.93
N THR A 74 25.73 3.37 -9.84
CA THR A 74 26.93 2.61 -9.47
C THR A 74 27.58 2.05 -10.73
N PRO A 75 28.92 2.22 -10.86
CA PRO A 75 29.62 1.55 -11.97
C PRO A 75 29.33 0.05 -11.98
N GLY A 76 28.82 -0.44 -13.10
CA GLY A 76 28.50 -1.85 -13.26
C GLY A 76 28.79 -2.27 -14.69
N ARG A 77 28.32 -3.46 -15.07
CA ARG A 77 28.54 -4.02 -16.42
C ARG A 77 29.88 -3.62 -17.04
N GLU A 78 30.97 -3.93 -16.34
CA GLU A 78 32.31 -3.46 -16.72
C GLU A 78 32.78 -3.97 -18.09
N ASP A 79 31.88 -4.64 -18.79
CA ASP A 79 32.14 -5.10 -20.15
C ASP A 79 31.18 -4.43 -21.14
N ASP A 80 30.08 -3.90 -20.61
CA ASP A 80 29.12 -3.16 -21.42
C ASP A 80 29.82 -1.96 -22.05
N ALA A 81 30.40 -2.19 -23.24
CA ALA A 81 31.14 -1.17 -23.95
C ALA A 81 30.27 0.01 -24.33
N SER A 82 28.95 -0.17 -24.24
CA SER A 82 28.01 0.90 -24.53
C SER A 82 28.06 2.02 -23.46
N VAL A 83 28.55 1.69 -22.27
CA VAL A 83 28.56 2.66 -21.18
C VAL A 83 29.89 2.68 -20.43
N ARG A 84 30.35 3.88 -20.09
CA ARG A 84 31.58 4.07 -19.33
C ARG A 84 31.29 4.97 -18.13
N TYR A 85 32.03 4.80 -17.04
CA TYR A 85 31.73 5.61 -15.85
C TYR A 85 32.86 6.58 -15.50
N SER A 86 32.50 7.67 -14.83
CA SER A 86 33.47 8.68 -14.41
C SER A 86 34.15 8.28 -13.12
N HIS A 87 35.06 9.13 -12.66
CA HIS A 87 35.54 9.05 -11.29
C HIS A 87 34.34 9.16 -10.36
N THR A 88 34.47 8.60 -9.17
CA THR A 88 33.36 8.62 -8.22
C THR A 88 33.30 9.95 -7.47
N TYR A 89 32.09 10.36 -7.06
CA TYR A 89 31.89 11.64 -6.37
C TYR A 89 31.14 11.50 -5.05
N LEU A 90 30.77 10.27 -4.69
CA LEU A 90 30.12 10.04 -3.40
C LEU A 90 30.26 8.58 -3.02
N ASP A 91 30.79 8.33 -1.82
CA ASP A 91 30.96 6.96 -1.37
C ASP A 91 29.69 6.47 -0.67
N VAL A 92 29.21 5.31 -1.12
CA VAL A 92 28.02 4.73 -0.52
C VAL A 92 28.26 3.24 -0.25
N THR A 93 27.44 2.66 0.61
CA THR A 93 27.47 1.24 0.88
C THR A 93 26.06 0.67 0.76
N PRO A 94 25.90 -0.42 0.01
CA PRO A 94 24.55 -1.00 -0.12
C PRO A 94 24.13 -1.66 1.18
N GLN A 95 22.87 -1.47 1.57
CA GLN A 95 22.43 -1.99 2.85
C GLN A 95 21.10 -2.70 2.74
N ILE A 96 21.01 -3.85 3.39
CA ILE A 96 19.74 -4.53 3.57
C ILE A 96 18.94 -3.80 4.65
N ILE A 97 17.67 -3.52 4.35
CA ILE A 97 16.83 -2.71 5.22
C ILE A 97 15.67 -3.55 5.71
N TYR A 98 15.40 -3.53 7.02
CA TYR A 98 14.26 -4.30 7.55
C TYR A 98 13.43 -3.41 8.49
N ARG A 99 12.32 -3.95 8.98
CA ARG A 99 11.43 -3.17 9.83
C ARG A 99 11.73 -3.42 11.31
N ASN A 100 11.92 -2.33 12.04
CA ASN A 100 12.27 -2.39 13.47
C ASN A 100 11.29 -3.24 14.26
N GLY A 101 11.83 -4.13 15.09
CA GLY A 101 10.98 -5.02 15.89
C GLY A 101 10.73 -6.36 15.23
N GLN A 102 10.98 -6.46 13.93
CA GLN A 102 10.86 -7.73 13.23
C GLN A 102 12.22 -8.43 13.26
N GLN A 103 12.28 -9.67 12.79
CA GLN A 103 13.53 -10.40 12.90
C GLN A 103 14.57 -9.85 11.93
N ARG A 104 15.77 -9.61 12.43
CA ARG A 104 16.80 -9.02 11.61
C ARG A 104 17.66 -10.08 10.93
N PRO A 105 17.70 -10.07 9.59
CA PRO A 105 18.64 -10.97 8.91
C PRO A 105 20.06 -10.47 9.17
N THR A 106 21.04 -11.36 9.21
CA THR A 106 22.41 -10.90 9.48
C THR A 106 23.36 -11.33 8.37
N ARG A 107 23.03 -12.39 7.66
CA ARG A 107 23.85 -12.86 6.55
C ARG A 107 23.01 -12.98 5.29
N PRO A 108 23.66 -12.84 4.12
CA PRO A 108 23.03 -13.01 2.82
C PRO A 108 22.06 -14.19 2.79
N GLU A 109 22.44 -15.28 3.43
CA GLU A 109 21.61 -16.49 3.43
C GLU A 109 20.26 -16.27 4.08
N ASP A 110 20.17 -15.31 5.01
CA ASP A 110 18.93 -15.04 5.74
C ASP A 110 17.87 -14.34 4.88
N LEU A 111 18.26 -13.92 3.68
CA LEU A 111 17.35 -13.24 2.77
C LEU A 111 16.41 -14.23 2.10
N VAL A 112 16.78 -15.50 2.13
CA VAL A 112 15.93 -16.54 1.55
C VAL A 112 14.63 -16.65 2.36
N GLY A 113 13.52 -16.80 1.66
CA GLY A 113 12.24 -16.91 2.30
C GLY A 113 11.58 -15.59 2.71
N LYS A 114 12.18 -14.46 2.37
CA LYS A 114 11.56 -13.17 2.69
C LYS A 114 11.01 -12.50 1.43
N ARG A 115 10.04 -11.59 1.60
CA ARG A 115 9.60 -10.80 0.46
C ARG A 115 10.53 -9.59 0.32
N ILE A 116 11.27 -9.58 -0.79
CA ILE A 116 12.23 -8.53 -1.08
C ILE A 116 11.84 -7.80 -2.37
N MSE A 117 11.89 -6.47 -2.36
CA MSE A 117 11.71 -5.76 -3.62
C MSE A 117 12.83 -4.73 -3.80
O MSE A 117 13.24 -4.08 -2.84
CB MSE A 117 10.34 -5.09 -3.73
CG MSE A 117 9.99 -4.60 -5.15
SE MSE A 117 8.28 -3.63 -5.20
CE MSE A 117 7.13 -5.16 -4.77
N VAL A 118 13.30 -4.60 -5.04
CA VAL A 118 14.32 -3.61 -5.42
C VAL A 118 13.89 -2.96 -6.73
N LEU A 119 14.56 -1.88 -7.10
CA LEU A 119 14.31 -1.25 -8.40
C LEU A 119 14.80 -2.14 -9.53
N LYS A 120 13.97 -2.27 -10.56
CA LYS A 120 14.36 -3.02 -11.75
C LYS A 120 15.49 -2.26 -12.47
N GLY A 121 16.48 -2.99 -12.95
CA GLY A 121 17.59 -2.40 -13.67
C GLY A 121 18.65 -1.79 -12.77
N SER A 122 18.50 -1.97 -11.46
CA SER A 122 19.45 -1.38 -10.52
C SER A 122 20.65 -2.28 -10.28
N SER A 123 21.70 -1.71 -9.75
CA SER A 123 22.85 -2.51 -9.37
C SER A 123 22.49 -3.40 -8.18
N HIS A 124 21.53 -2.97 -7.36
CA HIS A 124 21.07 -3.81 -6.26
C HIS A 124 20.35 -5.09 -6.73
N ALA A 125 19.56 -4.97 -7.80
CA ALA A 125 18.93 -6.15 -8.41
C ALA A 125 20.00 -7.12 -8.90
N GLU A 126 21.07 -6.58 -9.45
CA GLU A 126 22.16 -7.41 -9.94
C GLU A 126 22.88 -8.10 -8.79
N GLN A 127 23.02 -7.41 -7.65
CA GLN A 127 23.57 -8.04 -6.45
C GLN A 127 22.74 -9.24 -6.04
N LEU A 128 21.41 -9.07 -6.07
CA LEU A 128 20.53 -10.15 -5.68
C LEU A 128 20.59 -11.28 -6.72
N ALA A 129 20.72 -10.92 -7.99
CA ALA A 129 20.80 -11.94 -9.04
C ALA A 129 22.05 -12.79 -8.81
N GLU A 130 23.15 -12.13 -8.49
CA GLU A 130 24.41 -12.82 -8.20
C GLU A 130 24.24 -13.70 -6.99
N LEU A 131 23.59 -13.17 -5.95
CA LEU A 131 23.40 -13.94 -4.73
C LEU A 131 22.53 -15.15 -5.00
N LYS A 132 21.60 -15.02 -5.92
CA LYS A 132 20.69 -16.11 -6.24
C LYS A 132 21.43 -17.27 -6.89
N LYS A 133 22.57 -16.99 -7.51
CA LYS A 133 23.41 -18.04 -8.08
C LYS A 133 23.98 -18.93 -6.99
N GLN A 134 24.36 -18.32 -5.88
CA GLN A 134 24.85 -19.05 -4.72
C GLN A 134 23.69 -19.67 -3.91
N TYR A 135 22.57 -18.98 -3.82
CA TYR A 135 21.38 -19.48 -3.12
C TYR A 135 20.15 -19.45 -4.03
N PRO A 136 20.00 -20.48 -4.88
CA PRO A 136 18.94 -20.56 -5.90
C PRO A 136 17.52 -20.49 -5.37
N GLU A 137 17.31 -20.68 -4.07
CA GLU A 137 15.97 -20.60 -3.51
C GLU A 137 15.68 -19.16 -3.06
N LEU A 138 16.64 -18.27 -3.25
CA LEU A 138 16.41 -16.85 -3.03
C LEU A 138 15.36 -16.35 -4.00
N LYS A 139 14.42 -15.55 -3.50
CA LYS A 139 13.47 -14.90 -4.38
C LYS A 139 13.43 -13.42 -4.09
N TYR A 140 13.32 -12.62 -5.15
CA TYR A 140 13.13 -11.18 -4.97
C TYR A 140 12.29 -10.63 -6.12
N GLU A 141 11.68 -9.47 -5.86
CA GLU A 141 10.89 -8.80 -6.87
C GLU A 141 11.61 -7.55 -7.34
N GLU A 142 11.39 -7.18 -8.60
CA GLU A 142 11.93 -5.91 -9.09
C GLU A 142 10.82 -5.18 -9.85
N SER A 143 10.76 -3.86 -9.67
CA SER A 143 9.74 -3.07 -10.31
C SER A 143 10.29 -1.81 -10.98
N ASP A 144 9.68 -1.42 -12.10
CA ASP A 144 9.99 -0.17 -12.79
C ASP A 144 9.14 1.00 -12.29
N ALA A 145 8.12 0.68 -11.51
CA ALA A 145 7.10 1.65 -11.16
C ALA A 145 7.22 2.13 -9.71
N VAL A 146 8.37 1.87 -9.10
CA VAL A 146 8.57 2.36 -7.74
C VAL A 146 9.92 3.05 -7.69
N GLU A 147 10.13 3.93 -6.71
CA GLU A 147 11.43 4.52 -6.48
C GLU A 147 11.90 4.07 -5.10
N VAL A 148 13.11 4.48 -4.73
CA VAL A 148 13.69 4.08 -3.46
C VAL A 148 12.80 4.50 -2.29
N VAL A 149 12.23 5.71 -2.35
CA VAL A 149 11.33 6.17 -1.29
C VAL A 149 10.15 5.20 -1.11
N ASP A 150 9.65 4.66 -2.21
CA ASP A 150 8.54 3.69 -2.14
C ASP A 150 8.97 2.38 -1.50
N LEU A 151 10.18 1.93 -1.83
CA LEU A 151 10.71 0.72 -1.21
C LEU A 151 10.83 0.86 0.30
N LEU A 152 11.29 2.03 0.76
CA LEU A 152 11.42 2.24 2.19
C LEU A 152 10.05 2.30 2.85
N ARG A 153 9.08 2.92 2.19
CA ARG A 153 7.72 2.95 2.70
C ARG A 153 7.19 1.54 2.86
N MSE A 154 7.45 0.68 1.89
CA MSE A 154 6.91 -0.68 1.93
C MSE A 154 7.48 -1.49 3.10
O MSE A 154 6.77 -2.27 3.70
CB MSE A 154 7.17 -1.39 0.60
CG MSE A 154 6.34 -0.82 -0.56
SE MSE A 154 6.94 -1.66 -2.24
CE MSE A 154 6.17 -0.38 -3.48
N VAL A 155 8.77 -1.30 3.39
CA VAL A 155 9.34 -1.93 4.56
C VAL A 155 8.71 -1.33 5.81
N ASP A 156 8.60 -0.01 5.82
CA ASP A 156 8.08 0.71 6.99
C ASP A 156 6.70 0.20 7.41
N VAL A 157 5.84 -0.10 6.43
CA VAL A 157 4.47 -0.49 6.77
C VAL A 157 4.26 -2.00 6.73
N GLY A 158 5.30 -2.72 6.30
CA GLY A 158 5.27 -4.17 6.25
C GLY A 158 4.71 -4.81 4.98
N ASP A 159 4.60 -4.04 3.90
CA ASP A 159 4.13 -4.60 2.62
C ASP A 159 5.19 -5.53 2.05
N ILE A 160 6.45 -5.28 2.37
CA ILE A 160 7.53 -6.20 2.04
C ILE A 160 8.37 -6.37 3.30
N ASP A 161 9.19 -7.41 3.33
CA ASP A 161 10.05 -7.69 4.48
C ASP A 161 11.34 -6.90 4.42
N LEU A 162 11.95 -6.88 3.25
CA LEU A 162 13.27 -6.28 3.10
C LEU A 162 13.40 -5.50 1.80
N THR A 163 14.34 -4.55 1.79
CA THR A 163 14.81 -4.03 0.51
C THR A 163 16.34 -3.87 0.59
N LEU A 164 16.92 -3.45 -0.51
CA LEU A 164 18.36 -3.28 -0.62
C LEU A 164 18.59 -1.96 -1.32
N VAL A 165 19.18 -1.01 -0.61
CA VAL A 165 19.38 0.33 -1.16
C VAL A 165 20.75 0.87 -0.73
N ASP A 166 21.18 1.96 -1.36
CA ASP A 166 22.47 2.56 -1.01
C ASP A 166 22.33 3.36 0.28
N SER A 167 23.41 3.45 1.05
CA SER A 167 23.39 4.14 2.34
C SER A 167 23.00 5.60 2.25
N ASN A 168 23.32 6.27 1.14
CA ASN A 168 22.94 7.68 1.01
C ASN A 168 21.41 7.85 0.97
N GLU A 169 20.73 6.92 0.30
CA GLU A 169 19.27 6.97 0.19
C GLU A 169 18.62 6.79 1.55
N LEU A 170 19.19 5.90 2.36
CA LEU A 170 18.69 5.71 3.70
C LEU A 170 18.93 6.97 4.55
N ALA A 171 20.14 7.52 4.47
CA ALA A 171 20.50 8.72 5.22
C ALA A 171 19.53 9.86 4.96
N MSE A 172 19.17 10.03 3.69
CA MSE A 172 18.27 11.11 3.34
C MSE A 172 16.82 10.85 3.75
O MSE A 172 16.09 11.79 4.10
CB MSE A 172 18.32 11.34 1.85
CG MSE A 172 17.57 12.59 1.46
SE MSE A 172 17.52 12.62 -0.46
CE MSE A 172 19.43 12.96 -0.79
N ASN A 173 16.41 9.59 3.70
CA ASN A 173 15.00 9.24 3.90
C ASN A 173 14.65 8.69 5.28
N GLN A 174 15.66 8.29 6.03
CA GLN A 174 15.46 7.66 7.34
C GLN A 174 14.45 8.36 8.25
N VAL A 175 14.57 9.68 8.38
CA VAL A 175 13.70 10.42 9.29
C VAL A 175 12.21 10.29 8.91
N TYR A 176 11.93 10.06 7.63
CA TYR A 176 10.53 10.00 7.16
C TYR A 176 9.95 8.59 7.31
N PHE A 177 10.80 7.62 7.63
CA PHE A 177 10.37 6.24 7.84
C PHE A 177 10.94 5.68 9.13
N PRO A 178 10.27 6.01 10.25
CA PRO A 178 10.75 5.79 11.62
C PRO A 178 11.01 4.33 11.92
N ASN A 179 10.27 3.43 11.28
CA ASN A 179 10.39 2.01 11.57
C ASN A 179 11.53 1.29 10.84
N VAL A 180 12.14 1.90 9.82
CA VAL A 180 13.11 1.11 9.05
C VAL A 180 14.49 1.12 9.68
N ARG A 181 15.19 0.00 9.56
CA ARG A 181 16.53 -0.17 10.13
C ARG A 181 17.47 -0.87 9.18
N VAL A 182 18.77 -0.61 9.33
CA VAL A 182 19.76 -1.36 8.60
C VAL A 182 19.93 -2.72 9.24
N ALA A 183 19.74 -3.78 8.45
CA ALA A 183 19.96 -5.12 8.94
C ALA A 183 21.47 -5.38 8.92
N PHE A 184 22.08 -5.18 7.76
CA PHE A 184 23.53 -5.28 7.61
C PHE A 184 23.98 -4.69 6.28
N ASP A 185 25.28 -4.45 6.16
CA ASP A 185 25.88 -3.96 4.92
C ASP A 185 26.11 -5.12 3.95
N PHE A 186 25.68 -4.93 2.70
CA PHE A 186 25.76 -5.99 1.72
C PHE A 186 26.61 -5.55 0.53
N GLY A 187 27.90 -5.84 0.61
CA GLY A 187 28.85 -5.41 -0.39
C GLY A 187 29.84 -4.41 0.19
N GLU A 188 30.99 -4.28 -0.46
CA GLU A 188 31.97 -3.30 -0.05
C GLU A 188 31.50 -1.90 -0.41
N ALA A 189 31.98 -0.90 0.34
CA ALA A 189 31.74 0.49 -0.01
C ALA A 189 32.22 0.77 -1.43
N ARG A 190 31.47 1.59 -2.15
CA ARG A 190 31.73 1.88 -3.56
C ARG A 190 31.43 3.34 -3.84
N GLY A 191 31.97 3.86 -4.93
CA GLY A 191 31.69 5.23 -5.32
C GLY A 191 30.61 5.33 -6.37
N LEU A 192 29.72 6.31 -6.22
CA LEU A 192 28.77 6.67 -7.26
C LEU A 192 29.48 7.44 -8.37
N ALA A 193 28.99 7.29 -9.60
CA ALA A 193 29.65 7.88 -10.75
C ALA A 193 28.67 8.23 -11.86
N TRP A 194 29.02 9.24 -12.66
CA TRP A 194 28.23 9.55 -13.85
C TRP A 194 28.50 8.52 -14.95
N ALA A 195 27.49 8.26 -15.78
CA ALA A 195 27.61 7.32 -16.89
C ALA A 195 27.59 8.07 -18.20
N LEU A 196 28.51 7.73 -19.10
CA LEU A 196 28.59 8.36 -20.40
C LEU A 196 28.55 7.28 -21.47
N PRO A 197 28.16 7.64 -22.70
CA PRO A 197 28.09 6.63 -23.76
C PRO A 197 29.47 6.09 -24.08
N GLY A 198 29.52 4.91 -24.68
CA GLY A 198 30.74 4.42 -25.31
C GLY A 198 30.91 5.24 -26.58
N GLY A 199 32.16 5.47 -26.98
CA GLY A 199 33.31 4.90 -26.32
C GLY A 199 34.48 5.08 -27.26
N ASP A 200 34.65 6.31 -27.69
CA ASP A 200 35.60 6.65 -28.75
C ASP A 200 36.02 8.11 -28.60
N ASP A 201 35.03 8.99 -28.51
CA ASP A 201 35.26 10.41 -28.28
C ASP A 201 35.51 10.69 -26.80
N ASP A 202 36.78 10.70 -26.39
CA ASP A 202 37.17 10.83 -24.98
C ASP A 202 36.94 12.22 -24.40
N SER A 203 36.49 13.14 -25.25
CA SER A 203 36.46 14.56 -24.90
C SER A 203 35.65 14.87 -23.65
N LEU A 204 34.38 14.48 -23.64
CA LEU A 204 33.51 14.82 -22.53
C LEU A 204 33.98 14.18 -21.23
N MSE A 205 34.41 12.93 -21.27
CA MSE A 205 34.77 12.28 -20.03
C MSE A 205 36.08 12.81 -19.44
O MSE A 205 36.29 12.75 -18.23
CB MSE A 205 34.76 10.75 -20.20
CG MSE A 205 33.47 10.13 -19.43
SE MSE A 205 34.29 9.63 -17.79
CE MSE A 205 35.89 9.38 -18.72
N ASN A 206 36.94 13.38 -20.28
CA ASN A 206 38.09 14.14 -19.80
C ASN A 206 37.61 15.35 -19.01
N GLU A 207 36.67 16.09 -19.59
CA GLU A 207 36.08 17.24 -18.93
C GLU A 207 35.43 16.83 -17.61
N VAL A 208 34.67 15.74 -17.64
CA VAL A 208 33.92 15.33 -16.46
C VAL A 208 34.85 15.00 -15.32
N ASN A 209 35.89 14.22 -15.58
CA ASN A 209 36.79 13.83 -14.49
C ASN A 209 37.61 15.02 -13.98
N ALA A 210 37.99 15.92 -14.87
CA ALA A 210 38.67 17.13 -14.45
C ALA A 210 37.76 17.98 -13.56
N PHE A 211 36.51 18.13 -13.98
CA PHE A 211 35.51 18.84 -13.16
C PHE A 211 35.34 18.18 -11.79
N LEU A 212 35.13 16.87 -11.76
CA LEU A 212 34.88 16.18 -10.51
C LEU A 212 36.07 16.27 -9.57
N ASP A 213 37.28 16.10 -10.11
CA ASP A 213 38.50 16.26 -9.33
C ASP A 213 38.62 17.65 -8.71
N GLN A 214 38.25 18.67 -9.47
CA GLN A 214 38.32 20.04 -8.96
C GLN A 214 37.21 20.26 -7.91
N ALA A 215 36.01 19.78 -8.24
CA ALA A 215 34.87 19.87 -7.33
C ALA A 215 35.20 19.26 -5.97
N LYS A 216 36.01 18.21 -5.98
CA LYS A 216 36.43 17.58 -4.72
C LYS A 216 37.43 18.46 -3.97
N LYS A 217 38.57 18.70 -4.59
CA LYS A 217 39.65 19.47 -3.96
C LYS A 217 39.17 20.86 -3.50
N GLU A 218 38.16 21.37 -4.19
CA GLU A 218 37.62 22.69 -3.92
C GLU A 218 36.46 22.66 -2.92
N GLY A 219 36.00 21.45 -2.59
CA GLY A 219 35.03 21.28 -1.51
C GLY A 219 33.57 21.33 -1.91
N LEU A 220 33.31 21.46 -3.21
CA LEU A 220 31.95 21.49 -3.71
C LEU A 220 31.19 20.21 -3.36
N LEU A 221 31.86 19.08 -3.46
CA LEU A 221 31.21 17.79 -3.23
C LEU A 221 30.81 17.66 -1.78
N GLN A 222 31.63 18.21 -0.89
CA GLN A 222 31.31 18.18 0.53
C GLN A 222 30.13 19.11 0.83
N ARG A 223 30.12 20.29 0.23
CA ARG A 223 29.04 21.25 0.45
C ARG A 223 27.71 20.76 -0.14
N LEU A 224 27.79 20.01 -1.24
CA LEU A 224 26.59 19.40 -1.81
C LEU A 224 26.06 18.33 -0.87
N LYS A 225 26.98 17.52 -0.36
CA LYS A 225 26.66 16.44 0.57
C LYS A 225 26.04 16.96 1.85
N ASP A 226 26.55 18.07 2.36
CA ASP A 226 25.99 18.65 3.58
C ASP A 226 24.62 19.24 3.30
N ARG A 227 24.47 19.91 2.17
CA ARG A 227 23.19 20.54 1.86
C ARG A 227 22.08 19.51 1.70
N TYR A 228 22.37 18.42 1.01
CA TYR A 228 21.32 17.45 0.69
C TYR A 228 21.18 16.32 1.69
N TYR A 229 22.18 16.14 2.55
CA TYR A 229 22.09 15.11 3.56
C TYR A 229 22.20 15.68 4.98
N GLY A 230 21.19 15.44 5.79
CA GLY A 230 21.16 15.89 7.17
C GLY A 230 20.21 17.05 7.45
N HIS A 231 19.60 17.58 6.40
CA HIS A 231 18.73 18.75 6.54
C HIS A 231 17.32 18.37 7.02
N VAL A 232 16.63 19.33 7.63
CA VAL A 232 15.37 19.05 8.32
C VAL A 232 14.12 19.23 7.45
N ASP A 233 14.20 20.09 6.44
CA ASP A 233 13.04 20.43 5.58
C ASP A 233 12.10 21.37 6.33
N VAL A 234 11.10 20.79 6.98
CA VAL A 234 10.12 21.56 7.76
C VAL A 234 10.36 21.33 9.25
N LEU A 235 10.62 22.41 10.01
CA LEU A 235 10.85 22.31 11.44
C LEU A 235 9.67 21.65 12.16
N GLY A 236 9.94 20.66 13.00
CA GLY A 236 8.89 20.02 13.79
C GLY A 236 8.22 20.96 14.77
N TYR A 237 6.97 20.67 15.13
CA TYR A 237 6.22 21.50 16.10
C TYR A 237 6.95 21.57 17.44
N VAL A 238 7.11 22.78 17.98
CA VAL A 238 8.01 22.93 19.13
C VAL A 238 7.33 22.65 20.46
N GLY A 239 6.00 22.56 20.47
CA GLY A 239 5.29 22.35 21.71
C GLY A 239 5.00 23.62 22.49
N ALA A 240 4.05 23.53 23.40
CA ALA A 240 3.53 24.67 24.13
C ALA A 240 4.58 25.47 24.89
N TYR A 241 5.43 24.78 25.65
CA TYR A 241 6.36 25.46 26.55
C TYR A 241 7.41 26.25 25.79
N THR A 242 7.92 25.68 24.71
CA THR A 242 8.93 26.38 23.92
C THR A 242 8.33 27.59 23.20
N PHE A 243 7.11 27.43 22.68
CA PHE A 243 6.46 28.53 21.97
C PHE A 243 6.23 29.74 22.88
N THR A 244 5.79 29.49 24.11
CA THR A 244 5.58 30.59 25.05
C THR A 244 6.89 31.28 25.42
N GLN A 245 7.94 30.49 25.55
CA GLN A 245 9.25 31.03 25.86
C GLN A 245 9.68 32.01 24.76
N HIS A 246 9.39 31.69 23.51
CA HIS A 246 9.73 32.57 22.39
C HIS A 246 8.71 33.68 22.22
N LEU A 247 7.49 33.42 22.65
CA LEU A 247 6.45 34.45 22.69
C LEU A 247 6.90 35.57 23.60
N GLN A 248 7.58 35.16 24.66
CA GLN A 248 8.02 36.02 25.73
C GLN A 248 9.28 36.79 25.34
N GLN A 249 10.21 36.08 24.71
CA GLN A 249 11.54 36.61 24.48
C GLN A 249 11.72 37.23 23.09
N ARG A 250 11.08 36.65 22.07
CA ARG A 250 11.37 37.06 20.71
C ARG A 250 10.30 37.92 20.05
N LEU A 251 9.03 37.54 20.18
CA LEU A 251 7.98 38.21 19.41
C LEU A 251 7.89 39.72 19.66
N PRO A 252 8.05 40.16 20.91
CA PRO A 252 7.94 41.61 21.14
C PRO A 252 8.91 42.44 20.28
N ARG A 253 10.07 41.87 19.94
CA ARG A 253 11.04 42.57 19.08
C ARG A 253 10.54 42.81 17.66
N TYR A 254 9.65 41.94 17.18
CA TYR A 254 9.23 41.99 15.78
C TYR A 254 7.75 42.30 15.63
N GLU A 255 7.05 42.32 16.76
CA GLU A 255 5.61 42.49 16.77
C GLU A 255 5.15 43.70 15.97
N SER A 256 5.84 44.82 16.13
CA SER A 256 5.47 46.03 15.39
C SER A 256 5.61 45.85 13.88
N HIS A 257 6.61 45.08 13.46
CA HIS A 257 6.79 44.82 12.03
C HIS A 257 5.64 43.97 11.49
N PHE A 258 5.30 42.89 12.21
CA PHE A 258 4.17 42.06 11.78
C PHE A 258 2.89 42.87 11.67
N LYS A 259 2.59 43.68 12.67
CA LYS A 259 1.36 44.47 12.64
C LYS A 259 1.32 45.48 11.48
N GLN A 260 2.40 46.23 11.28
CA GLN A 260 2.48 47.16 10.16
C GLN A 260 2.28 46.43 8.84
N SER A 261 2.90 45.27 8.68
CA SER A 261 2.70 44.49 7.46
C SER A 261 1.25 44.03 7.37
N GLY A 262 0.69 43.59 8.49
CA GLY A 262 -0.71 43.18 8.52
C GLY A 262 -1.64 44.32 8.10
N LYS A 263 -1.34 45.53 8.56
CA LYS A 263 -2.14 46.69 8.18
C LYS A 263 -2.00 46.99 6.70
N GLN A 264 -0.75 47.05 6.22
CA GLN A 264 -0.51 47.39 4.82
C GLN A 264 -1.07 46.37 3.83
N LYS A 265 -1.18 45.12 4.26
CA LYS A 265 -1.66 44.07 3.36
C LYS A 265 -3.08 43.64 3.70
N ASP A 266 -3.69 44.35 4.63
CA ASP A 266 -5.03 44.00 5.14
C ASP A 266 -5.14 42.50 5.38
N THR A 267 -4.29 41.98 6.26
CA THR A 267 -4.34 40.58 6.67
CA THR A 267 -4.37 40.60 6.67
C THR A 267 -4.00 40.47 8.15
N ASP A 268 -4.46 39.42 8.79
CA ASP A 268 -4.25 39.18 10.21
C ASP A 268 -2.76 39.06 10.53
N TRP A 269 -2.24 39.95 11.38
CA TRP A 269 -0.80 39.96 11.66
C TRP A 269 -0.35 38.70 12.37
N ARG A 270 -1.27 38.02 13.03
CA ARG A 270 -0.87 36.85 13.79
C ARG A 270 -0.59 35.67 12.86
N LEU A 271 -1.21 35.68 11.68
CA LEU A 271 -0.96 34.62 10.71
C LEU A 271 0.44 34.84 10.14
N LEU A 272 0.79 36.11 9.91
CA LEU A 272 2.13 36.47 9.44
C LEU A 272 3.17 36.05 10.47
N ALA A 273 2.91 36.37 11.73
CA ALA A 273 3.78 35.96 12.82
C ALA A 273 3.90 34.45 12.93
N ALA A 274 2.80 33.71 12.73
CA ALA A 274 2.86 32.25 12.77
C ALA A 274 3.75 31.67 11.67
N ILE A 275 3.67 32.23 10.46
CA ILE A 275 4.58 31.83 9.38
C ILE A 275 6.03 32.09 9.81
N GLY A 276 6.27 33.28 10.34
CA GLY A 276 7.61 33.64 10.77
C GLY A 276 8.15 32.70 11.82
N TYR A 277 7.29 32.21 12.70
CA TYR A 277 7.74 31.28 13.73
C TYR A 277 8.09 29.94 13.12
N GLN A 278 7.22 29.43 12.26
CA GLN A 278 7.48 28.13 11.64
C GLN A 278 8.77 28.18 10.84
N GLU A 279 9.05 29.33 10.23
CA GLU A 279 10.23 29.45 9.35
C GLU A 279 11.56 29.61 10.11
N SER A 280 11.58 30.46 11.14
CA SER A 280 12.83 30.83 11.78
C SER A 280 12.80 30.79 13.31
N LEU A 281 11.64 30.48 13.88
CA LEU A 281 11.43 30.63 15.33
C LEU A 281 11.69 32.08 15.73
N TRP A 282 11.31 33.01 14.85
CA TRP A 282 11.51 34.45 15.07
C TRP A 282 12.98 34.79 15.31
N GLN A 283 13.83 34.34 14.39
CA GLN A 283 15.26 34.64 14.44
C GLN A 283 15.67 35.28 13.12
N PRO A 284 15.87 36.60 13.13
CA PRO A 284 16.10 37.35 11.89
C PRO A 284 17.45 37.05 11.27
N GLY A 285 18.34 36.41 12.03
CA GLY A 285 19.65 36.06 11.51
C GLY A 285 19.74 34.63 11.04
N ALA A 286 18.61 33.93 11.04
CA ALA A 286 18.61 32.51 10.69
C ALA A 286 19.04 32.30 9.24
N THR A 287 19.75 31.20 9.01
CA THR A 287 20.25 30.89 7.69
C THR A 287 20.14 29.40 7.46
N SER A 288 20.34 28.98 6.22
CA SER A 288 20.20 27.58 5.88
C SER A 288 21.22 27.21 4.83
N LYS A 289 21.51 25.93 4.73
CA LYS A 289 22.42 25.46 3.70
C LYS A 289 21.68 25.38 2.37
N THR A 290 20.38 25.65 2.41
CA THR A 290 19.54 25.55 1.23
C THR A 290 19.39 26.87 0.49
N GLY A 291 20.03 27.92 0.98
CA GLY A 291 19.98 29.21 0.33
C GLY A 291 18.92 30.19 0.82
N VAL A 292 18.19 29.83 1.88
CA VAL A 292 17.22 30.79 2.43
C VAL A 292 17.84 31.48 3.63
N ARG A 293 17.34 32.68 3.93
CA ARG A 293 17.89 33.50 5.01
C ARG A 293 16.80 34.35 5.63
N GLY A 294 16.96 34.66 6.91
CA GLY A 294 16.13 35.69 7.52
C GLY A 294 14.88 35.18 8.20
N LEU A 295 14.15 36.11 8.82
CA LEU A 295 13.03 35.77 9.68
C LEU A 295 11.97 34.98 8.92
N MSE A 296 11.71 35.38 7.68
CA MSE A 296 10.72 34.69 6.88
C MSE A 296 11.33 33.67 5.93
O MSE A 296 10.62 33.08 5.11
CB MSE A 296 9.88 35.70 6.07
CG MSE A 296 9.11 36.67 6.94
SE MSE A 296 7.65 35.83 7.99
CE MSE A 296 6.23 35.88 6.64
N MSE A 297 12.65 33.49 6.03
CA MSE A 297 13.42 32.49 5.26
C MSE A 297 13.18 32.60 3.74
O MSE A 297 12.61 31.70 3.11
CB MSE A 297 13.10 31.07 5.76
CG MSE A 297 13.59 30.86 7.22
SE MSE A 297 15.58 30.91 7.45
CE MSE A 297 15.94 28.99 7.43
N LEU A 298 13.64 33.71 3.19
CA LEU A 298 13.47 34.02 1.78
C LEU A 298 14.66 33.59 0.93
N THR A 299 14.39 33.16 -0.29
CA THR A 299 15.47 32.98 -1.28
C THR A 299 15.91 34.35 -1.79
N ASN A 300 17.04 34.40 -2.49
CA ASN A 300 17.48 35.67 -3.06
C ASN A 300 16.52 36.14 -4.13
N ARG A 301 15.99 35.19 -4.89
CA ARG A 301 15.15 35.55 -6.02
C ARG A 301 13.83 36.14 -5.55
N THR A 302 13.27 35.54 -4.50
CA THR A 302 12.01 36.01 -3.94
C THR A 302 12.22 37.34 -3.21
N ALA A 303 13.33 37.45 -2.49
CA ALA A 303 13.69 38.71 -1.84
C ALA A 303 13.76 39.83 -2.86
N GLN A 304 14.47 39.60 -3.95
CA GLN A 304 14.61 40.61 -5.00
C GLN A 304 13.27 40.93 -5.63
N ALA A 305 12.46 39.90 -5.88
CA ALA A 305 11.13 40.11 -6.43
C ALA A 305 10.25 40.95 -5.50
N MSE A 306 10.42 40.79 -4.19
CA MSE A 306 9.57 41.45 -3.22
C MSE A 306 10.12 42.83 -2.80
O MSE A 306 9.52 43.51 -1.99
CB MSE A 306 9.39 40.58 -1.97
CG MSE A 306 8.65 39.27 -2.20
SE MSE A 306 6.83 39.52 -2.89
CE MSE A 306 7.17 39.10 -4.78
N GLY A 307 11.26 43.21 -3.35
CA GLY A 307 11.85 44.52 -3.03
C GLY A 307 12.72 44.51 -1.78
N VAL A 308 13.22 43.34 -1.41
CA VAL A 308 14.05 43.16 -0.21
C VAL A 308 15.55 43.24 -0.57
N SER A 309 16.26 44.25 -0.04
CA SER A 309 17.68 44.38 -0.33
C SER A 309 18.53 43.65 0.73
N ASN A 310 17.93 43.40 1.88
CA ASN A 310 18.66 42.79 2.99
C ASN A 310 17.81 41.77 3.72
N ARG A 311 17.98 40.51 3.37
CA ARG A 311 17.16 39.43 3.92
C ARG A 311 17.33 39.29 5.43
N LEU A 312 18.43 39.81 5.97
CA LEU A 312 18.71 39.65 7.40
C LEU A 312 18.07 40.75 8.24
N ASP A 313 17.54 41.76 7.57
CA ASP A 313 16.82 42.80 8.26
C ASP A 313 15.42 42.32 8.60
N PRO A 314 15.06 42.27 9.90
CA PRO A 314 13.75 41.71 10.28
C PRO A 314 12.56 42.42 9.61
N LYS A 315 12.62 43.74 9.53
CA LYS A 315 11.53 44.51 8.95
C LYS A 315 11.35 44.18 7.46
N GLN A 316 12.46 44.19 6.72
CA GLN A 316 12.40 43.85 5.31
C GLN A 316 11.94 42.40 5.11
N SER A 317 12.48 41.49 5.92
CA SER A 317 12.13 40.06 5.78
C SER A 317 10.63 39.87 6.01
N ILE A 318 10.13 40.44 7.11
CA ILE A 318 8.69 40.34 7.42
C ILE A 318 7.83 40.99 6.32
N GLN A 319 8.20 42.17 5.86
CA GLN A 319 7.43 42.81 4.80
C GLN A 319 7.45 41.99 3.50
N GLY A 320 8.62 41.51 3.11
CA GLY A 320 8.75 40.78 1.85
C GLY A 320 8.07 39.41 1.89
N GLY A 321 8.29 38.69 2.99
CA GLY A 321 7.70 37.38 3.16
C GLY A 321 6.19 37.47 3.24
N SER A 322 5.70 38.50 3.93
CA SER A 322 4.26 38.70 4.06
C SER A 322 3.62 39.04 2.70
N LYS A 323 4.30 39.89 1.95
CA LYS A 323 3.82 40.27 0.64
C LYS A 323 3.76 39.06 -0.29
N TYR A 324 4.74 38.18 -0.14
CA TYR A 324 4.82 36.97 -0.96
C TYR A 324 3.65 36.03 -0.64
N PHE A 325 3.36 35.87 0.65
CA PHE A 325 2.23 35.06 1.09
C PHE A 325 0.91 35.61 0.57
N VAL A 326 0.69 36.91 0.77
CA VAL A 326 -0.59 37.50 0.38
C VAL A 326 -0.76 37.46 -1.13
N GLN A 327 0.35 37.62 -1.84
CA GLN A 327 0.34 37.53 -3.30
C GLN A 327 -0.04 36.12 -3.77
N ILE A 328 0.67 35.12 -3.25
CA ILE A 328 0.30 33.72 -3.49
C ILE A 328 -1.20 33.52 -3.21
N ARG A 329 -1.66 34.02 -2.07
CA ARG A 329 -3.06 33.83 -1.71
C ARG A 329 -3.98 34.49 -2.73
N SER A 330 -3.60 35.69 -3.17
CA SER A 330 -4.41 36.43 -4.12
C SER A 330 -4.45 35.74 -5.48
N GLU A 331 -3.41 34.99 -5.81
CA GLU A 331 -3.30 34.35 -7.11
C GLU A 331 -3.97 32.99 -7.20
N LEU A 332 -4.44 32.45 -6.08
CA LEU A 332 -5.14 31.15 -6.12
C LEU A 332 -6.41 31.23 -6.96
N PRO A 333 -6.83 30.11 -7.56
CA PRO A 333 -8.13 30.06 -8.26
C PRO A 333 -9.27 30.66 -7.43
N GLU A 334 -10.11 31.48 -8.05
CA GLU A 334 -11.21 32.14 -7.35
C GLU A 334 -12.17 31.17 -6.64
N SER A 335 -12.18 29.92 -7.06
CA SER A 335 -13.12 28.94 -6.51
C SER A 335 -12.75 28.52 -5.08
N ILE A 336 -11.51 28.75 -4.67
CA ILE A 336 -11.09 28.44 -3.32
C ILE A 336 -11.43 29.58 -2.38
N LYS A 337 -12.34 29.33 -1.44
CA LYS A 337 -12.81 30.36 -0.53
C LYS A 337 -12.16 30.30 0.84
N GLU A 338 -12.15 31.42 1.55
CA GLU A 338 -11.66 31.45 2.92
C GLU A 338 -12.59 30.61 3.79
N PRO A 339 -12.06 29.98 4.85
CA PRO A 339 -10.66 30.04 5.27
C PRO A 339 -9.74 29.06 4.54
N ASP A 340 -10.30 28.13 3.77
CA ASP A 340 -9.47 27.18 3.02
C ASP A 340 -8.40 27.91 2.20
N ARG A 341 -8.80 29.04 1.63
CA ARG A 341 -7.94 29.82 0.78
C ARG A 341 -6.61 30.13 1.47
N SER A 342 -6.66 30.53 2.73
CA SER A 342 -5.43 30.83 3.47
C SER A 342 -4.58 29.58 3.69
N TRP A 343 -5.24 28.44 3.91
CA TRP A 343 -4.51 27.20 4.14
C TRP A 343 -3.83 26.77 2.85
N PHE A 344 -4.51 26.94 1.72
CA PHE A 344 -3.89 26.61 0.43
C PHE A 344 -2.69 27.52 0.21
N ALA A 345 -2.81 28.78 0.61
CA ALA A 345 -1.72 29.72 0.42
C ALA A 345 -0.52 29.32 1.26
N LEU A 346 -0.77 28.84 2.48
CA LEU A 346 0.31 28.31 3.31
C LEU A 346 1.00 27.12 2.64
N ALA A 347 0.18 26.22 2.09
CA ALA A 347 0.73 25.07 1.37
C ALA A 347 1.65 25.54 0.23
N ALA A 348 1.13 26.45 -0.60
CA ALA A 348 1.88 26.97 -1.73
C ALA A 348 3.16 27.70 -1.30
N TYR A 349 3.09 28.41 -0.17
CA TYR A 349 4.26 29.10 0.38
C TYR A 349 5.41 28.11 0.56
N ASN A 350 5.08 26.90 1.03
CA ASN A 350 6.05 25.85 1.30
C ASN A 350 6.41 24.98 0.08
N ILE A 351 5.40 24.51 -0.63
CA ILE A 351 5.62 23.53 -1.69
C ILE A 351 5.65 24.13 -3.10
N GLY A 352 5.14 25.35 -3.23
CA GLY A 352 5.04 25.98 -4.53
C GLY A 352 3.70 25.73 -5.21
N GLY A 353 3.24 26.70 -6.01
CA GLY A 353 1.92 26.65 -6.61
C GLY A 353 1.77 25.50 -7.59
N ALA A 354 2.89 25.11 -8.21
CA ALA A 354 2.85 24.05 -9.23
C ALA A 354 2.49 22.69 -8.62
N HIS A 355 3.20 22.27 -7.57
CA HIS A 355 2.89 21.00 -6.92
C HIS A 355 1.53 21.04 -6.28
N LEU A 356 1.15 22.18 -5.74
CA LEU A 356 -0.16 22.30 -5.12
C LEU A 356 -1.25 22.12 -6.16
N GLU A 357 -1.04 22.64 -7.35
CA GLU A 357 -2.06 22.46 -8.39
C GLU A 357 -2.13 20.98 -8.81
N ASP A 358 -0.98 20.31 -8.88
CA ASP A 358 -0.99 18.88 -9.14
C ASP A 358 -1.84 18.15 -8.10
N ALA A 359 -1.71 18.55 -6.84
CA ALA A 359 -2.45 17.93 -5.76
C ALA A 359 -3.96 18.21 -5.90
N ARG A 360 -4.31 19.42 -6.30
CA ARG A 360 -5.72 19.74 -6.54
C ARG A 360 -6.29 18.93 -7.70
N LYS A 361 -5.51 18.78 -8.78
CA LYS A 361 -5.99 17.97 -9.90
C LYS A 361 -6.20 16.53 -9.48
N MSE A 362 -5.27 16.02 -8.67
CA MSE A 362 -5.38 14.65 -8.19
C MSE A 362 -6.62 14.47 -7.31
O MSE A 362 -7.31 13.45 -7.41
CB MSE A 362 -4.11 14.28 -7.44
CG MSE A 362 -4.07 12.88 -6.90
SE MSE A 362 -2.32 12.53 -6.07
CE MSE A 362 -1.20 13.19 -7.44
N ALA A 363 -6.88 15.45 -6.45
CA ALA A 363 -8.07 15.42 -5.60
C ALA A 363 -9.34 15.37 -6.46
N GLU A 364 -9.37 16.20 -7.50
CA GLU A 364 -10.56 16.22 -8.35
C GLU A 364 -10.74 14.87 -9.02
N LYS A 365 -9.65 14.29 -9.52
CA LYS A 365 -9.75 12.98 -10.19
C LYS A 365 -10.19 11.89 -9.23
N GLU A 366 -9.87 12.08 -7.95
CA GLU A 366 -10.23 11.12 -6.91
C GLU A 366 -11.72 11.22 -6.52
N GLY A 367 -12.40 12.29 -6.94
CA GLY A 367 -13.79 12.46 -6.58
C GLY A 367 -13.92 13.38 -5.35
N LEU A 368 -12.78 13.92 -4.91
CA LEU A 368 -12.74 14.84 -3.78
C LEU A 368 -12.89 16.29 -4.25
N ASN A 369 -12.99 17.22 -3.31
CA ASN A 369 -13.25 18.61 -3.64
C ASN A 369 -11.93 19.41 -3.70
N PRO A 370 -11.54 19.87 -4.90
CA PRO A 370 -10.23 20.52 -5.00
C PRO A 370 -10.22 21.88 -4.34
N ASN A 371 -11.37 22.34 -3.86
CA ASN A 371 -11.38 23.63 -3.18
C ASN A 371 -11.45 23.50 -1.67
N LYS A 372 -11.33 22.29 -1.15
CA LYS A 372 -11.35 22.07 0.30
C LYS A 372 -10.00 21.57 0.78
N TRP A 373 -9.42 22.28 1.73
CA TRP A 373 -8.09 21.94 2.21
C TRP A 373 -8.11 20.53 2.82
N LEU A 374 -9.19 20.21 3.52
CA LEU A 374 -9.33 18.90 4.16
C LEU A 374 -9.18 17.75 3.13
N ASP A 375 -9.62 18.00 1.90
CA ASP A 375 -9.50 16.99 0.83
C ASP A 375 -8.12 17.01 0.16
N VAL A 376 -7.66 18.20 -0.21
CA VAL A 376 -6.41 18.32 -0.96
C VAL A 376 -5.23 17.90 -0.09
N LYS A 377 -5.31 18.19 1.21
CA LYS A 377 -4.30 17.75 2.18
C LYS A 377 -4.08 16.24 2.16
N LYS A 378 -5.13 15.48 1.85
CA LYS A 378 -5.00 14.03 1.74
C LYS A 378 -4.20 13.58 0.52
N MSE A 379 -4.18 14.41 -0.49
CA MSE A 379 -3.48 14.09 -1.72
C MSE A 379 -1.99 14.43 -1.65
O MSE A 379 -1.18 13.77 -2.27
CB MSE A 379 -4.10 14.84 -2.91
CG MSE A 379 -5.57 14.52 -3.11
SE MSE A 379 -5.85 12.67 -3.72
CE MSE A 379 -6.23 11.78 -2.00
N LEU A 380 -1.62 15.46 -0.88
CA LEU A 380 -0.22 15.89 -0.89
C LEU A 380 0.82 14.80 -0.59
N PRO A 381 0.55 13.91 0.40
CA PRO A 381 1.49 12.83 0.69
C PRO A 381 1.73 11.90 -0.49
N ARG A 382 0.76 11.80 -1.41
CA ARG A 382 0.93 10.94 -2.57
C ARG A 382 2.01 11.44 -3.52
N LEU A 383 2.38 12.72 -3.40
CA LEU A 383 3.41 13.24 -4.30
C LEU A 383 4.78 12.61 -4.00
N ALA A 384 4.89 11.87 -2.90
CA ALA A 384 6.14 11.17 -2.59
C ALA A 384 6.10 9.69 -3.01
N GLN A 385 5.04 9.31 -3.73
CA GLN A 385 4.89 7.92 -4.16
C GLN A 385 4.89 7.84 -5.68
N LYS A 386 5.82 7.08 -6.27
CA LYS A 386 6.04 7.22 -7.71
C LYS A 386 4.81 6.85 -8.51
N GLN A 387 4.04 5.87 -8.02
CA GLN A 387 2.83 5.45 -8.73
C GLN A 387 1.93 6.66 -8.99
N TRP A 388 1.90 7.59 -8.04
CA TRP A 388 1.10 8.81 -8.18
C TRP A 388 1.88 9.98 -8.80
N TYR A 389 3.10 10.24 -8.34
CA TYR A 389 3.74 11.48 -8.80
C TYR A 389 4.18 11.37 -10.26
N ALA A 390 4.44 10.16 -10.75
CA ALA A 390 4.84 10.01 -12.15
C ALA A 390 3.71 10.41 -13.09
N LYS A 391 2.50 10.47 -12.55
CA LYS A 391 1.32 10.85 -13.33
C LYS A 391 1.06 12.36 -13.30
N THR A 392 1.89 13.09 -12.56
CA THR A 392 1.65 14.53 -12.40
C THR A 392 2.60 15.33 -13.31
N ARG A 393 2.26 16.58 -13.57
CA ARG A 393 3.09 17.44 -14.40
CA ARG A 393 3.09 17.43 -14.42
C ARG A 393 4.46 17.73 -13.78
N TYR A 394 4.48 18.02 -12.47
CA TYR A 394 5.74 18.44 -11.82
C TYR A 394 6.41 17.35 -11.00
N GLY A 395 5.81 16.15 -10.98
CA GLY A 395 6.49 15.02 -10.37
C GLY A 395 6.65 15.01 -8.85
N TYR A 396 7.74 14.39 -8.39
CA TYR A 396 7.97 14.13 -6.97
C TYR A 396 7.98 15.40 -6.10
N ALA A 397 7.41 15.26 -4.91
CA ALA A 397 7.60 16.22 -3.82
C ALA A 397 7.34 15.54 -2.50
N ARG A 398 8.06 15.97 -1.46
CA ARG A 398 7.83 15.45 -0.13
C ARG A 398 6.55 16.08 0.45
N GLY A 399 5.40 15.74 -0.16
CA GLY A 399 4.13 16.37 0.19
C GLY A 399 3.69 16.33 1.65
N GLY A 400 4.05 15.27 2.36
CA GLY A 400 3.67 15.16 3.76
C GLY A 400 4.27 16.24 4.63
N GLU A 401 5.45 16.70 4.24
CA GLU A 401 6.08 17.80 4.99
C GLU A 401 5.34 19.12 4.83
N THR A 402 4.74 19.31 3.66
CA THR A 402 3.89 20.47 3.44
C THR A 402 2.67 20.39 4.33
N VAL A 403 2.14 19.18 4.51
CA VAL A 403 1.00 19.02 5.40
C VAL A 403 1.39 19.43 6.83
N HIS A 404 2.56 18.99 7.27
CA HIS A 404 3.08 19.35 8.59
C HIS A 404 3.24 20.85 8.70
N PHE A 405 3.81 21.46 7.66
CA PHE A 405 4.03 22.90 7.63
C PHE A 405 2.73 23.66 7.91
N VAL A 406 1.69 23.34 7.15
CA VAL A 406 0.42 24.03 7.28
C VAL A 406 -0.18 23.80 8.65
N GLN A 407 -0.12 22.55 9.13
CA GLN A 407 -0.68 22.22 10.44
C GLN A 407 0.06 22.95 11.55
N ASN A 408 1.38 23.02 11.44
CA ASN A 408 2.17 23.76 12.43
C ASN A 408 1.80 25.25 12.47
N VAL A 409 1.77 25.87 11.30
CA VAL A 409 1.46 27.30 11.22
C VAL A 409 0.06 27.54 11.78
N ARG A 410 -0.91 26.69 11.45
CA ARG A 410 -2.26 26.89 11.98
C ARG A 410 -2.31 26.78 13.50
N ARG A 411 -1.53 25.88 14.06
CA ARG A 411 -1.45 25.73 15.50
C ARG A 411 -0.83 26.99 16.16
N TYR A 412 0.28 27.47 15.62
CA TYR A 412 0.89 28.70 16.14
C TYR A 412 -0.06 29.89 16.01
N TYR A 413 -0.74 29.96 14.88
CA TYR A 413 -1.71 31.00 14.62
C TYR A 413 -2.84 30.97 15.65
N ASP A 414 -3.36 29.77 15.90
CA ASP A 414 -4.42 29.60 16.91
C ASP A 414 -3.97 30.05 18.29
N ILE A 415 -2.76 29.67 18.68
CA ILE A 415 -2.23 30.07 19.98
C ILE A 415 -2.03 31.57 20.06
N LEU A 416 -1.46 32.16 19.01
CA LEU A 416 -1.24 33.61 19.00
C LEU A 416 -2.56 34.37 19.12
N THR A 417 -3.58 33.87 18.43
CA THR A 417 -4.90 34.47 18.45
C THR A 417 -5.50 34.41 19.85
N TRP A 418 -5.31 33.28 20.52
CA TRP A 418 -5.79 33.07 21.88
C TRP A 418 -5.09 33.99 22.88
N VAL A 419 -3.76 34.05 22.82
CA VAL A 419 -3.04 34.91 23.74
C VAL A 419 -3.22 36.37 23.29
N THR A 420 -3.96 36.52 22.19
CA THR A 420 -4.26 37.80 21.56
C THR A 420 -3.01 38.60 21.29
N GLU B 4 -3.51 -47.45 1.84
CA GLU B 4 -3.40 -46.00 2.01
C GLU B 4 -4.71 -45.40 2.53
N GLY B 5 -5.66 -45.19 1.63
CA GLY B 5 -6.97 -44.69 1.99
C GLY B 5 -7.03 -43.18 2.14
N VAL B 6 -6.10 -42.48 1.51
CA VAL B 6 -5.99 -41.02 1.58
C VAL B 6 -5.79 -40.38 0.22
N LEU B 7 -6.61 -39.39 -0.11
CA LEU B 7 -6.39 -38.58 -1.29
C LEU B 7 -5.75 -37.26 -0.87
N ARG B 8 -4.52 -37.03 -1.34
CA ARG B 8 -3.82 -35.77 -1.09
C ARG B 8 -4.12 -34.77 -2.20
N VAL B 9 -4.70 -33.64 -1.82
CA VAL B 9 -5.08 -32.60 -2.77
C VAL B 9 -4.34 -31.31 -2.44
N ILE B 10 -3.63 -30.75 -3.40
CA ILE B 10 -2.95 -29.49 -3.16
C ILE B 10 -3.76 -28.31 -3.75
N THR B 11 -3.74 -27.17 -3.06
CA THR B 11 -4.58 -26.03 -3.46
C THR B 11 -3.92 -24.72 -3.03
N ARG B 12 -4.61 -23.62 -3.35
CA ARG B 12 -4.27 -22.27 -2.88
C ARG B 12 -5.07 -22.01 -1.62
N ASN B 13 -4.50 -21.26 -0.67
CA ASN B 13 -5.32 -20.72 0.43
C ASN B 13 -5.90 -19.41 -0.10
N SER B 14 -7.17 -19.41 -0.45
CA SER B 14 -7.84 -18.22 -0.99
CA SER B 14 -7.83 -18.23 -1.01
C SER B 14 -9.34 -18.38 -0.90
N PRO B 15 -10.08 -17.27 -0.93
CA PRO B 15 -11.54 -17.38 -0.76
C PRO B 15 -12.23 -18.13 -1.88
N ALA B 16 -11.56 -18.29 -3.03
CA ALA B 16 -12.16 -18.98 -4.18
C ALA B 16 -11.88 -20.47 -4.15
N THR B 17 -10.98 -20.90 -3.27
CA THR B 17 -10.54 -22.29 -3.31
C THR B 17 -10.68 -23.03 -1.99
N TYR B 18 -9.99 -22.54 -0.98
CA TYR B 18 -9.81 -23.28 0.26
C TYR B 18 -9.41 -22.34 1.38
N PHE B 19 -10.15 -22.36 2.49
CA PHE B 19 -9.75 -21.55 3.64
C PHE B 19 -10.45 -22.07 4.89
N GLN B 20 -10.10 -21.52 6.04
CA GLN B 20 -10.69 -21.89 7.31
C GLN B 20 -11.73 -20.85 7.66
N ASP B 21 -12.90 -21.27 8.10
CA ASP B 21 -13.86 -20.33 8.67
C ASP B 21 -14.24 -20.84 10.06
N ARG B 22 -15.23 -20.23 10.71
CA ARG B 22 -15.52 -20.60 12.08
C ARG B 22 -15.92 -22.06 12.24
N ASN B 23 -16.24 -22.73 11.15
CA ASN B 23 -16.69 -24.10 11.24
C ASN B 23 -15.66 -25.12 10.80
N GLY B 24 -14.49 -24.63 10.40
CA GLY B 24 -13.44 -25.51 9.93
C GLY B 24 -13.11 -25.24 8.48
N GLU B 25 -12.78 -26.29 7.72
CA GLU B 25 -12.35 -26.13 6.33
C GLU B 25 -13.53 -25.84 5.44
N THR B 26 -13.31 -24.99 4.44
CA THR B 26 -14.37 -24.65 3.53
C THR B 26 -13.77 -24.16 2.24
N GLY B 27 -14.62 -23.75 1.29
CA GLY B 27 -14.16 -23.30 -0.01
C GLY B 27 -14.67 -24.17 -1.15
N PHE B 28 -14.86 -23.57 -2.32
CA PHE B 28 -15.41 -24.26 -3.48
C PHE B 28 -14.59 -25.52 -3.83
N GLU B 29 -13.27 -25.38 -3.92
CA GLU B 29 -12.43 -26.52 -4.31
C GLU B 29 -12.37 -27.54 -3.18
N TYR B 30 -12.31 -27.06 -1.95
CA TYR B 30 -12.34 -27.96 -0.81
C TYR B 30 -13.61 -28.82 -0.84
N GLU B 31 -14.75 -28.18 -1.05
CA GLU B 31 -16.02 -28.92 -1.06
C GLU B 31 -16.06 -29.93 -2.21
N LEU B 32 -15.61 -29.52 -3.38
CA LEU B 32 -15.63 -30.39 -4.56
C LEU B 32 -14.72 -31.60 -4.34
N ALA B 33 -13.51 -31.34 -3.84
CA ALA B 33 -12.55 -32.41 -3.54
C ALA B 33 -13.05 -33.34 -2.44
N LYS B 34 -13.75 -32.78 -1.46
CA LYS B 34 -14.28 -33.60 -0.39
C LYS B 34 -15.32 -34.60 -0.92
N ARG B 35 -16.19 -34.14 -1.80
CA ARG B 35 -17.20 -35.02 -2.38
C ARG B 35 -16.54 -36.08 -3.29
N PHE B 36 -15.43 -35.71 -3.92
CA PHE B 36 -14.72 -36.69 -4.75
C PHE B 36 -14.11 -37.76 -3.85
N ALA B 37 -13.49 -37.32 -2.75
CA ALA B 37 -12.87 -38.25 -1.81
C ALA B 37 -13.92 -39.19 -1.23
N GLU B 38 -15.13 -38.68 -1.05
CA GLU B 38 -16.20 -39.52 -0.50
C GLU B 38 -16.65 -40.53 -1.55
N ARG B 39 -16.68 -40.11 -2.81
CA ARG B 39 -16.97 -41.04 -3.90
C ARG B 39 -15.94 -42.16 -3.97
N LEU B 40 -14.67 -41.82 -3.73
CA LEU B 40 -13.61 -42.82 -3.71
C LEU B 40 -13.60 -43.64 -2.40
N GLY B 41 -14.33 -43.15 -1.40
CA GLY B 41 -14.35 -43.81 -0.10
C GLY B 41 -13.03 -43.70 0.64
N VAL B 42 -12.35 -42.57 0.45
CA VAL B 42 -11.07 -42.35 1.11
C VAL B 42 -11.07 -41.03 1.86
N GLU B 43 -10.07 -40.80 2.69
CA GLU B 43 -9.98 -39.59 3.48
C GLU B 43 -9.32 -38.45 2.69
N LEU B 44 -9.88 -37.25 2.80
CA LEU B 44 -9.29 -36.12 2.08
C LEU B 44 -8.22 -35.44 2.93
N LYS B 45 -7.05 -35.23 2.36
CA LYS B 45 -6.01 -34.47 3.02
C LYS B 45 -5.60 -33.28 2.14
N ILE B 46 -5.93 -32.08 2.60
CA ILE B 46 -5.61 -30.85 1.86
C ILE B 46 -4.21 -30.36 2.19
N GLU B 47 -3.46 -30.01 1.16
CA GLU B 47 -2.16 -29.37 1.32
C GLU B 47 -2.18 -28.01 0.63
N THR B 48 -1.50 -27.04 1.22
CA THR B 48 -1.51 -25.68 0.71
C THR B 48 -0.16 -25.36 0.07
N ALA B 49 -0.18 -24.83 -1.14
CA ALA B 49 1.05 -24.37 -1.77
C ALA B 49 1.25 -22.89 -1.45
N ASP B 50 2.50 -22.46 -1.39
CA ASP B 50 2.79 -21.06 -1.11
C ASP B 50 2.45 -20.17 -2.30
N ASN B 51 2.54 -20.72 -3.50
CA ASN B 51 2.31 -19.98 -4.74
C ASN B 51 2.09 -20.98 -5.89
N LEU B 52 1.72 -20.48 -7.07
CA LEU B 52 1.40 -21.40 -8.16
C LEU B 52 2.62 -22.16 -8.67
N ASP B 53 3.79 -21.54 -8.73
CA ASP B 53 4.98 -22.27 -9.17
C ASP B 53 5.22 -23.45 -8.23
N ASP B 54 5.10 -23.18 -6.92
CA ASP B 54 5.27 -24.22 -5.90
C ASP B 54 4.22 -25.30 -6.05
N LEU B 55 2.99 -24.90 -6.32
CA LEU B 55 1.89 -25.86 -6.46
C LEU B 55 2.21 -26.87 -7.57
N TYR B 56 2.60 -26.36 -8.73
CA TYR B 56 2.87 -27.24 -9.86
C TYR B 56 4.14 -28.07 -9.64
N ALA B 57 5.15 -27.46 -9.00
CA ALA B 57 6.40 -28.18 -8.70
C ALA B 57 6.15 -29.39 -7.82
N GLN B 58 5.38 -29.17 -6.76
CA GLN B 58 5.03 -30.23 -5.85
C GLN B 58 4.16 -31.29 -6.54
N LEU B 59 3.24 -30.84 -7.40
CA LEU B 59 2.39 -31.79 -8.13
C LEU B 59 3.21 -32.71 -9.04
N SER B 60 4.26 -32.15 -9.65
CA SER B 60 5.00 -32.85 -10.69
C SER B 60 6.13 -33.73 -10.16
N ARG B 61 6.39 -33.66 -8.86
CA ARG B 61 7.51 -34.43 -8.33
C ARG B 61 7.03 -35.78 -7.79
N GLU B 62 7.90 -36.78 -7.89
CA GLU B 62 7.56 -38.11 -7.42
C GLU B 62 7.27 -38.04 -5.92
N GLY B 63 6.20 -38.69 -5.49
CA GLY B 63 5.79 -38.67 -4.10
C GLY B 63 4.90 -37.49 -3.73
N GLY B 64 4.57 -36.66 -4.71
CA GLY B 64 3.72 -35.49 -4.48
C GLY B 64 2.25 -35.80 -4.30
N PRO B 65 1.42 -34.74 -4.24
CA PRO B 65 -0.01 -34.96 -4.07
C PRO B 65 -0.67 -35.58 -5.30
N ALA B 66 -1.87 -36.12 -5.14
CA ALA B 66 -2.56 -36.83 -6.22
C ALA B 66 -3.12 -35.88 -7.29
N LEU B 67 -3.61 -34.71 -6.88
CA LEU B 67 -4.15 -33.75 -7.82
C LEU B 67 -4.16 -32.36 -7.20
N ALA B 68 -4.30 -31.35 -8.06
CA ALA B 68 -4.43 -29.97 -7.62
C ALA B 68 -5.82 -29.46 -7.95
N ALA B 69 -6.49 -28.92 -6.94
CA ALA B 69 -7.82 -28.36 -7.08
C ALA B 69 -7.73 -26.92 -6.60
N ALA B 70 -7.61 -25.97 -7.53
CA ALA B 70 -7.11 -24.64 -7.15
C ALA B 70 -7.53 -23.54 -8.12
N GLY B 71 -8.67 -23.70 -8.77
CA GLY B 71 -9.12 -22.68 -9.70
C GLY B 71 -8.19 -22.51 -10.90
N LEU B 72 -7.63 -23.62 -11.36
CA LEU B 72 -6.60 -23.58 -12.40
C LEU B 72 -7.20 -23.58 -13.80
N THR B 73 -6.58 -22.79 -14.68
CA THR B 73 -6.86 -22.80 -16.11
C THR B 73 -5.82 -23.67 -16.78
N PRO B 74 -6.27 -24.62 -17.60
CA PRO B 74 -5.30 -25.48 -18.31
C PRO B 74 -4.36 -24.61 -19.12
N GLY B 75 -3.18 -24.41 -18.56
CA GLY B 75 -2.03 -23.87 -19.25
C GLY B 75 -0.93 -24.80 -18.83
N ARG B 76 -0.47 -25.71 -19.69
CA ARG B 76 -0.64 -25.77 -21.14
C ARG B 76 0.48 -24.96 -21.78
N GLU B 77 0.99 -25.47 -22.89
CA GLU B 77 0.56 -26.75 -23.43
C GLU B 77 1.77 -27.67 -23.61
N ASP B 78 2.93 -27.04 -23.73
CA ASP B 78 4.21 -27.72 -23.92
C ASP B 78 4.61 -28.54 -22.71
N ASP B 79 3.92 -28.33 -21.58
CA ASP B 79 4.30 -28.94 -20.32
C ASP B 79 3.62 -30.30 -20.14
N ALA B 80 4.33 -31.38 -20.46
CA ALA B 80 3.78 -32.72 -20.32
C ALA B 80 3.86 -33.24 -18.89
N SER B 81 4.46 -32.44 -18.00
CA SER B 81 4.58 -32.88 -16.60
C SER B 81 3.24 -32.71 -15.88
N VAL B 82 2.29 -32.02 -16.51
CA VAL B 82 0.99 -31.78 -15.91
C VAL B 82 -0.11 -32.05 -16.92
N ARG B 83 -1.20 -32.65 -16.46
CA ARG B 83 -2.34 -32.88 -17.32
C ARG B 83 -3.61 -32.47 -16.62
N TYR B 84 -4.65 -32.17 -17.38
CA TYR B 84 -5.84 -31.56 -16.79
C TYR B 84 -7.08 -32.43 -16.98
N SER B 85 -7.99 -32.34 -16.02
CA SER B 85 -9.29 -32.98 -16.10
C SER B 85 -10.24 -32.27 -17.07
N HIS B 86 -11.41 -32.86 -17.28
CA HIS B 86 -12.53 -32.15 -17.86
C HIS B 86 -12.78 -30.88 -17.04
N THR B 87 -13.32 -29.85 -17.69
CA THR B 87 -13.51 -28.56 -17.04
C THR B 87 -14.82 -28.52 -16.25
N TYR B 88 -14.85 -27.73 -15.19
CA TYR B 88 -15.99 -27.75 -14.29
C TYR B 88 -16.56 -26.36 -13.98
N LEU B 89 -16.04 -25.32 -14.61
CA LEU B 89 -16.56 -23.97 -14.41
C LEU B 89 -16.01 -23.05 -15.49
N ASP B 90 -16.90 -22.37 -16.24
CA ASP B 90 -16.44 -21.45 -17.26
C ASP B 90 -16.19 -20.09 -16.66
N VAL B 91 -15.06 -19.50 -17.02
CA VAL B 91 -14.65 -18.16 -16.57
C VAL B 91 -14.07 -17.39 -17.75
N THR B 92 -14.01 -16.08 -17.63
CA THR B 92 -13.38 -15.25 -18.64
C THR B 92 -12.36 -14.33 -17.96
N PRO B 93 -11.14 -14.27 -18.51
CA PRO B 93 -10.14 -13.39 -17.93
C PRO B 93 -10.53 -11.93 -18.19
N GLN B 94 -10.36 -11.09 -17.18
CA GLN B 94 -10.76 -9.70 -17.30
C GLN B 94 -9.66 -8.77 -16.81
N ILE B 95 -9.40 -7.74 -17.59
CA ILE B 95 -8.52 -6.65 -17.16
C ILE B 95 -9.32 -5.76 -16.23
N ILE B 96 -8.75 -5.50 -15.06
CA ILE B 96 -9.40 -4.71 -14.03
C ILE B 96 -8.69 -3.37 -13.88
N TYR B 97 -9.44 -2.29 -13.83
CA TYR B 97 -8.84 -0.96 -13.58
C TYR B 97 -9.59 -0.24 -12.48
N ARG B 98 -9.08 0.92 -12.10
CA ARG B 98 -9.67 1.70 -11.01
C ARG B 98 -10.64 2.73 -11.55
N ASN B 99 -11.90 2.68 -11.11
CA ASN B 99 -12.88 3.69 -11.50
C ASN B 99 -12.32 5.11 -11.34
N GLY B 100 -12.45 5.94 -12.36
CA GLY B 100 -11.91 7.28 -12.31
C GLY B 100 -10.60 7.46 -13.08
N GLN B 101 -9.85 6.38 -13.27
CA GLN B 101 -8.63 6.45 -14.09
C GLN B 101 -8.96 6.05 -15.52
N GLN B 102 -8.01 6.26 -16.44
CA GLN B 102 -8.27 6.00 -17.84
C GLN B 102 -8.46 4.50 -18.08
N ARG B 103 -9.57 4.16 -18.72
CA ARG B 103 -9.89 2.75 -18.97
C ARG B 103 -9.17 2.25 -20.22
N PRO B 104 -8.32 1.23 -20.08
CA PRO B 104 -7.75 0.63 -21.30
C PRO B 104 -8.86 -0.12 -22.05
N THR B 105 -8.84 -0.11 -23.38
CA THR B 105 -9.98 -0.63 -24.13
C THR B 105 -9.66 -1.91 -24.88
N ARG B 106 -8.39 -2.20 -25.02
CA ARG B 106 -7.92 -3.39 -25.74
C ARG B 106 -6.47 -3.64 -25.34
N PRO B 107 -5.92 -4.79 -25.74
CA PRO B 107 -4.60 -5.21 -25.25
C PRO B 107 -3.46 -4.22 -25.47
N GLU B 108 -3.41 -3.50 -26.59
CA GLU B 108 -2.27 -2.60 -26.78
C GLU B 108 -2.33 -1.45 -25.78
N ASP B 109 -3.52 -1.18 -25.25
CA ASP B 109 -3.70 -0.16 -24.22
C ASP B 109 -3.05 -0.55 -22.87
N LEU B 110 -2.61 -1.80 -22.75
CA LEU B 110 -1.96 -2.25 -21.53
C LEU B 110 -0.50 -1.77 -21.46
N VAL B 111 0.04 -1.34 -22.60
CA VAL B 111 1.39 -0.80 -22.62
C VAL B 111 1.43 0.51 -21.84
N GLY B 112 2.46 0.69 -21.00
CA GLY B 112 2.65 1.93 -20.27
C GLY B 112 2.00 1.99 -18.89
N LYS B 113 1.41 0.88 -18.46
CA LYS B 113 0.70 0.81 -17.18
C LYS B 113 1.45 -0.03 -16.15
N ARG B 114 1.19 0.20 -14.85
CA ARG B 114 1.70 -0.72 -13.83
C ARG B 114 0.69 -1.83 -13.67
N ILE B 115 1.09 -3.03 -14.09
CA ILE B 115 0.24 -4.21 -14.07
C ILE B 115 0.87 -5.22 -13.12
N MSE B 116 0.09 -5.81 -12.23
CA MSE B 116 0.61 -6.93 -11.48
C MSE B 116 -0.33 -8.13 -11.60
O MSE B 116 -1.55 -7.96 -11.60
CB MSE B 116 0.83 -6.58 -10.00
CG MSE B 116 1.65 -7.64 -9.25
SE MSE B 116 2.01 -7.17 -7.39
CE MSE B 116 2.09 -8.92 -6.66
N VAL B 117 0.27 -9.31 -11.69
CA VAL B 117 -0.43 -10.58 -11.70
C VAL B 117 0.28 -11.58 -10.81
N LEU B 118 -0.38 -12.70 -10.54
CA LEU B 118 0.22 -13.81 -9.82
C LEU B 118 1.33 -14.47 -10.62
N LYS B 119 2.47 -14.67 -9.98
CA LYS B 119 3.56 -15.37 -10.67
C LYS B 119 3.07 -16.80 -10.93
N GLY B 120 3.44 -17.34 -12.08
CA GLY B 120 3.08 -18.71 -12.45
C GLY B 120 1.64 -18.91 -12.87
N SER B 121 0.89 -17.83 -13.01
CA SER B 121 -0.53 -17.95 -13.37
C SER B 121 -0.69 -18.01 -14.88
N SER B 122 -1.84 -18.48 -15.33
CA SER B 122 -2.17 -18.42 -16.76
C SER B 122 -2.30 -16.97 -17.22
N HIS B 123 -2.65 -16.08 -16.30
CA HIS B 123 -2.76 -14.67 -16.63
C HIS B 123 -1.39 -14.08 -16.92
N ALA B 124 -0.39 -14.46 -16.14
CA ALA B 124 0.98 -14.07 -16.48
C ALA B 124 1.36 -14.59 -17.86
N GLU B 125 0.95 -15.81 -18.17
CA GLU B 125 1.26 -16.39 -19.48
C GLU B 125 0.60 -15.57 -20.60
N GLN B 126 -0.63 -15.13 -20.38
CA GLN B 126 -1.31 -14.28 -21.36
C GLN B 126 -0.52 -13.00 -21.61
N LEU B 127 0.01 -12.42 -20.54
CA LEU B 127 0.77 -11.18 -20.69
C LEU B 127 2.11 -11.44 -21.36
N ALA B 128 2.74 -12.58 -21.04
CA ALA B 128 3.99 -12.96 -21.69
C ALA B 128 3.78 -13.09 -23.20
N GLU B 129 2.66 -13.66 -23.59
CA GLU B 129 2.35 -13.81 -25.01
C GLU B 129 2.09 -12.44 -25.65
N LEU B 130 1.38 -11.57 -24.94
CA LEU B 130 1.09 -10.23 -25.45
C LEU B 130 2.38 -9.41 -25.66
N LYS B 131 3.33 -9.58 -24.76
CA LYS B 131 4.59 -8.84 -24.83
C LYS B 131 5.38 -9.22 -26.08
N LYS B 132 5.17 -10.44 -26.59
CA LYS B 132 5.80 -10.87 -27.84
C LYS B 132 5.34 -9.98 -28.99
N GLN B 133 4.07 -9.61 -28.98
CA GLN B 133 3.51 -8.73 -30.00
C GLN B 133 3.83 -7.26 -29.74
N TYR B 134 3.73 -6.84 -28.47
CA TYR B 134 4.09 -5.48 -28.07
C TYR B 134 5.24 -5.52 -27.08
N PRO B 135 6.48 -5.49 -27.58
CA PRO B 135 7.64 -5.68 -26.69
C PRO B 135 7.79 -4.59 -25.64
N GLU B 136 7.04 -3.50 -25.77
CA GLU B 136 7.10 -2.41 -24.80
C GLU B 136 6.26 -2.70 -23.55
N LEU B 137 5.40 -3.71 -23.64
CA LEU B 137 4.56 -4.11 -22.50
C LEU B 137 5.43 -4.45 -21.29
N LYS B 138 5.03 -3.95 -20.12
CA LYS B 138 5.70 -4.30 -18.88
C LYS B 138 4.67 -4.81 -17.90
N TYR B 139 5.03 -5.83 -17.13
CA TYR B 139 4.16 -6.28 -16.06
C TYR B 139 5.01 -6.91 -14.97
N GLU B 140 4.46 -6.92 -13.77
CA GLU B 140 5.14 -7.46 -12.61
C GLU B 140 4.42 -8.72 -12.20
N GLU B 141 5.16 -9.70 -11.70
CA GLU B 141 4.51 -10.89 -11.18
C GLU B 141 5.08 -11.18 -9.81
N SER B 142 4.24 -11.70 -8.92
CA SER B 142 4.69 -11.90 -7.56
C SER B 142 4.19 -13.19 -6.97
N ASP B 143 5.01 -13.79 -6.12
CA ASP B 143 4.68 -14.99 -5.36
C ASP B 143 3.98 -14.66 -4.06
N ALA B 144 4.05 -13.40 -3.66
CA ALA B 144 3.64 -13.00 -2.32
C ALA B 144 2.26 -12.36 -2.29
N VAL B 145 1.55 -12.39 -3.41
CA VAL B 145 0.19 -11.83 -3.43
C VAL B 145 -0.81 -12.88 -3.89
N GLU B 146 -2.07 -12.69 -3.54
CA GLU B 146 -3.16 -13.48 -4.08
C GLU B 146 -4.10 -12.55 -4.84
N VAL B 147 -5.14 -13.12 -5.44
CA VAL B 147 -6.05 -12.33 -6.24
C VAL B 147 -6.73 -11.21 -5.43
N VAL B 148 -7.11 -11.52 -4.18
CA VAL B 148 -7.73 -10.49 -3.34
C VAL B 148 -6.74 -9.31 -3.17
N ASP B 149 -5.45 -9.60 -3.06
CA ASP B 149 -4.45 -8.53 -2.97
C ASP B 149 -4.37 -7.67 -4.21
N LEU B 150 -4.40 -8.33 -5.37
CA LEU B 150 -4.35 -7.63 -6.65
C LEU B 150 -5.52 -6.67 -6.78
N LEU B 151 -6.71 -7.16 -6.42
CA LEU B 151 -7.92 -6.32 -6.43
C LEU B 151 -7.78 -5.13 -5.47
N ARG B 152 -7.26 -5.38 -4.26
CA ARG B 152 -7.08 -4.28 -3.32
CA ARG B 152 -7.05 -4.30 -3.31
C ARG B 152 -6.10 -3.25 -3.87
N MSE B 153 -5.04 -3.70 -4.53
CA MSE B 153 -4.05 -2.76 -5.07
C MSE B 153 -4.66 -1.88 -6.15
O MSE B 153 -4.36 -0.69 -6.23
CB MSE B 153 -2.82 -3.51 -5.60
CG MSE B 153 -2.05 -4.22 -4.52
SE MSE B 153 -0.59 -5.26 -5.36
CE MSE B 153 0.77 -3.85 -5.28
N VAL B 154 -5.51 -2.46 -7.01
CA VAL B 154 -6.17 -1.62 -8.00
C VAL B 154 -7.10 -0.65 -7.28
N ASP B 155 -7.84 -1.17 -6.30
CA ASP B 155 -8.85 -0.39 -5.59
C ASP B 155 -8.29 0.88 -4.97
N VAL B 156 -7.10 0.79 -4.37
CA VAL B 156 -6.51 1.97 -3.71
C VAL B 156 -5.53 2.74 -4.60
N GLY B 157 -5.25 2.20 -5.78
CA GLY B 157 -4.42 2.90 -6.77
C GLY B 157 -2.94 2.59 -6.68
N ASP B 158 -2.56 1.54 -5.95
CA ASP B 158 -1.15 1.15 -5.87
C ASP B 158 -0.65 0.60 -7.21
N ILE B 159 -1.55 -0.04 -7.96
CA ILE B 159 -1.24 -0.46 -9.33
C ILE B 159 -2.34 0.07 -10.25
N ASP B 160 -2.07 0.11 -11.55
CA ASP B 160 -3.08 0.61 -12.48
C ASP B 160 -4.07 -0.49 -12.82
N LEU B 161 -3.53 -1.68 -13.09
CA LEU B 161 -4.33 -2.77 -13.63
C LEU B 161 -3.94 -4.13 -13.08
N THR B 162 -4.90 -5.06 -13.10
CA THR B 162 -4.54 -6.45 -12.94
C THR B 162 -5.36 -7.29 -13.92
N LEU B 163 -5.13 -8.59 -13.91
CA LEU B 163 -5.77 -9.51 -14.86
C LEU B 163 -6.15 -10.75 -14.06
N VAL B 164 -7.45 -11.01 -13.93
CA VAL B 164 -7.95 -12.10 -13.09
C VAL B 164 -9.15 -12.77 -13.75
N ASP B 165 -9.53 -13.95 -13.27
CA ASP B 165 -10.71 -14.64 -13.81
C ASP B 165 -11.99 -13.99 -13.35
N SER B 166 -13.02 -14.06 -14.19
CA SER B 166 -14.29 -13.38 -13.94
C SER B 166 -14.95 -13.83 -12.65
N ASN B 167 -14.78 -15.09 -12.27
CA ASN B 167 -15.41 -15.57 -11.04
C ASN B 167 -14.79 -14.95 -9.80
N GLU B 168 -13.49 -14.72 -9.84
CA GLU B 168 -12.82 -14.09 -8.70
C GLU B 168 -13.27 -12.65 -8.53
N LEU B 169 -13.42 -11.95 -9.65
CA LEU B 169 -13.90 -10.58 -9.61
C LEU B 169 -15.30 -10.54 -8.98
N ALA B 170 -16.16 -11.47 -9.40
CA ALA B 170 -17.55 -11.50 -8.95
C ALA B 170 -17.65 -11.75 -7.45
N MSE B 171 -16.86 -12.71 -6.98
CA MSE B 171 -16.69 -13.01 -5.57
C MSE B 171 -16.32 -11.79 -4.72
O MSE B 171 -16.78 -11.65 -3.59
CB MSE B 171 -15.56 -14.03 -5.38
CG MSE B 171 -15.92 -15.47 -5.34
SE MSE B 171 -14.86 -16.25 -3.91
CE MSE B 171 -16.26 -16.20 -2.55
N ASN B 172 -15.44 -10.96 -5.26
CA ASN B 172 -14.76 -9.95 -4.46
C ASN B 172 -15.19 -8.53 -4.68
N GLN B 173 -15.90 -8.30 -5.78
CA GLN B 173 -16.26 -6.95 -6.22
C GLN B 173 -16.84 -6.09 -5.11
N VAL B 174 -17.72 -6.68 -4.32
CA VAL B 174 -18.41 -5.93 -3.28
C VAL B 174 -17.47 -5.37 -2.22
N TYR B 175 -16.29 -5.98 -2.07
CA TYR B 175 -15.33 -5.56 -1.06
C TYR B 175 -14.36 -4.49 -1.57
N PHE B 176 -14.40 -4.24 -2.88
CA PHE B 176 -13.52 -3.27 -3.54
C PHE B 176 -14.31 -2.36 -4.47
N PRO B 177 -14.94 -1.33 -3.89
CA PRO B 177 -15.92 -0.51 -4.61
C PRO B 177 -15.36 0.27 -5.79
N ASN B 178 -14.05 0.51 -5.81
CA ASN B 178 -13.44 1.24 -6.92
C ASN B 178 -13.07 0.40 -8.15
N VAL B 179 -13.05 -0.93 -8.06
CA VAL B 179 -12.56 -1.69 -9.21
C VAL B 179 -13.65 -1.91 -10.25
N ARG B 180 -13.24 -1.85 -11.51
CA ARG B 180 -14.12 -2.06 -12.64
C ARG B 180 -13.46 -2.96 -13.67
N VAL B 181 -14.26 -3.70 -14.41
CA VAL B 181 -13.77 -4.42 -15.57
C VAL B 181 -13.48 -3.45 -16.72
N ALA B 182 -12.27 -3.49 -17.25
CA ALA B 182 -11.91 -2.64 -18.38
C ALA B 182 -12.38 -3.31 -19.65
N PHE B 183 -11.95 -4.56 -19.86
CA PHE B 183 -12.45 -5.38 -20.96
C PHE B 183 -12.14 -6.85 -20.72
N ASP B 184 -12.76 -7.73 -21.50
CA ASP B 184 -12.48 -9.17 -21.44
C ASP B 184 -11.26 -9.48 -22.30
N PHE B 185 -10.31 -10.19 -21.72
CA PHE B 185 -9.05 -10.44 -22.38
C PHE B 185 -8.95 -11.93 -22.65
N GLY B 186 -9.36 -12.34 -23.85
CA GLY B 186 -9.39 -13.75 -24.19
C GLY B 186 -10.80 -14.33 -24.13
N GLU B 187 -10.97 -15.50 -24.74
CA GLU B 187 -12.25 -16.18 -24.79
C GLU B 187 -12.54 -16.91 -23.48
N ALA B 188 -13.81 -17.16 -23.20
CA ALA B 188 -14.19 -17.98 -22.05
C ALA B 188 -13.47 -19.33 -22.10
N ARG B 189 -13.13 -19.84 -20.93
CA ARG B 189 -12.39 -21.10 -20.81
C ARG B 189 -12.85 -21.82 -19.55
N GLY B 190 -12.63 -23.13 -19.49
CA GLY B 190 -13.03 -23.87 -18.30
C GLY B 190 -11.90 -24.07 -17.31
N LEU B 191 -12.22 -24.02 -16.02
CA LEU B 191 -11.27 -24.45 -14.99
C LEU B 191 -11.19 -25.98 -14.94
N ALA B 192 -10.05 -26.49 -14.53
CA ALA B 192 -9.84 -27.95 -14.48
C ALA B 192 -8.91 -28.32 -13.35
N TRP B 193 -9.07 -29.53 -12.82
CA TRP B 193 -8.12 -30.06 -11.88
C TRP B 193 -6.85 -30.50 -12.64
N ALA B 194 -5.70 -30.39 -11.98
CA ALA B 194 -4.43 -30.81 -12.58
C ALA B 194 -3.91 -32.07 -11.90
N LEU B 195 -3.40 -32.99 -12.73
CA LEU B 195 -2.82 -34.23 -12.24
C LEU B 195 -1.38 -34.33 -12.78
N PRO B 196 -0.52 -35.06 -12.07
CA PRO B 196 0.81 -35.25 -12.69
C PRO B 196 0.66 -35.99 -14.01
N GLY B 197 1.47 -35.61 -15.00
CA GLY B 197 1.52 -36.37 -16.23
C GLY B 197 1.89 -37.80 -15.90
N GLY B 198 1.35 -38.75 -16.67
CA GLY B 198 1.73 -40.13 -16.47
C GLY B 198 0.91 -41.07 -17.32
N ASP B 199 1.28 -42.36 -17.31
CA ASP B 199 0.63 -43.34 -18.15
C ASP B 199 -0.53 -44.06 -17.48
N ASP B 200 -0.57 -44.00 -16.15
CA ASP B 200 -1.67 -44.60 -15.39
C ASP B 200 -2.85 -43.64 -15.39
N ASP B 201 -3.93 -44.03 -16.07
CA ASP B 201 -5.11 -43.18 -16.18
C ASP B 201 -6.17 -43.49 -15.13
N SER B 202 -5.81 -44.31 -14.13
CA SER B 202 -6.74 -44.75 -13.11
C SER B 202 -7.47 -43.62 -12.39
N LEU B 203 -6.70 -42.71 -11.84
CA LEU B 203 -7.25 -41.58 -11.09
C LEU B 203 -7.92 -40.58 -12.02
N MSE B 204 -7.28 -40.25 -13.13
CA MSE B 204 -7.90 -39.33 -14.09
C MSE B 204 -9.26 -39.79 -14.56
O MSE B 204 -10.16 -38.99 -14.69
CB MSE B 204 -6.98 -39.14 -15.30
CG MSE B 204 -7.50 -38.08 -16.29
SE MSE B 204 -7.71 -36.33 -15.57
CE MSE B 204 -6.00 -35.78 -15.91
N ASN B 205 -9.42 -41.09 -14.83
CA ASN B 205 -10.74 -41.56 -15.24
C ASN B 205 -11.77 -41.40 -14.12
N GLU B 206 -11.36 -41.62 -12.87
CA GLU B 206 -12.28 -41.44 -11.75
C GLU B 206 -12.63 -39.96 -11.58
N VAL B 207 -11.63 -39.11 -11.73
CA VAL B 207 -11.85 -37.67 -11.63
C VAL B 207 -12.85 -37.22 -12.69
N ASN B 208 -12.63 -37.64 -13.93
CA ASN B 208 -13.49 -37.19 -15.01
C ASN B 208 -14.90 -37.78 -14.89
N ALA B 209 -15.01 -39.04 -14.44
CA ALA B 209 -16.33 -39.62 -14.19
C ALA B 209 -17.06 -38.80 -13.14
N PHE B 210 -16.34 -38.44 -12.09
CA PHE B 210 -16.93 -37.67 -10.99
C PHE B 210 -17.37 -36.31 -11.47
N LEU B 211 -16.50 -35.62 -12.20
CA LEU B 211 -16.80 -34.25 -12.61
C LEU B 211 -17.96 -34.22 -13.63
N ASP B 212 -18.00 -35.23 -14.50
CA ASP B 212 -19.07 -35.32 -15.47
C ASP B 212 -20.42 -35.53 -14.77
N GLN B 213 -20.45 -36.43 -13.79
CA GLN B 213 -21.67 -36.70 -13.05
C GLN B 213 -22.10 -35.51 -12.19
N ALA B 214 -21.12 -34.83 -11.61
CA ALA B 214 -21.39 -33.64 -10.82
C ALA B 214 -22.03 -32.55 -11.65
N LYS B 215 -21.51 -32.35 -12.86
CA LYS B 215 -22.08 -31.36 -13.76
C LYS B 215 -23.49 -31.76 -14.16
N LYS B 216 -23.65 -33.03 -14.49
CA LYS B 216 -24.93 -33.56 -14.93
C LYS B 216 -26.00 -33.47 -13.82
N GLU B 217 -25.60 -33.76 -12.58
CA GLU B 217 -26.55 -33.73 -11.47
C GLU B 217 -26.81 -32.34 -10.90
N GLY B 218 -26.12 -31.33 -11.43
CA GLY B 218 -26.28 -29.96 -10.95
C GLY B 218 -25.46 -29.60 -9.73
N LEU B 219 -24.60 -30.52 -9.30
CA LEU B 219 -23.77 -30.27 -8.12
C LEU B 219 -22.79 -29.11 -8.34
N LEU B 220 -22.24 -29.02 -9.54
CA LEU B 220 -21.34 -27.92 -9.86
C LEU B 220 -22.09 -26.59 -9.80
N GLN B 221 -23.32 -26.57 -10.30
CA GLN B 221 -24.10 -25.34 -10.27
C GLN B 221 -24.45 -24.96 -8.83
N ARG B 222 -24.74 -25.96 -7.99
CA ARG B 222 -25.07 -25.68 -6.59
C ARG B 222 -23.85 -25.15 -5.84
N LEU B 223 -22.68 -25.72 -6.07
CA LEU B 223 -21.45 -25.21 -5.43
C LEU B 223 -21.13 -23.78 -5.91
N LYS B 224 -21.35 -23.51 -7.18
CA LYS B 224 -21.17 -22.15 -7.72
C LYS B 224 -22.12 -21.17 -7.03
N ASP B 225 -23.39 -21.56 -6.90
CA ASP B 225 -24.39 -20.74 -6.23
C ASP B 225 -24.04 -20.47 -4.77
N ARG B 226 -23.46 -21.48 -4.12
CA ARG B 226 -23.17 -21.40 -2.69
C ARG B 226 -22.00 -20.44 -2.41
N TYR B 227 -21.18 -20.17 -3.44
CA TYR B 227 -19.97 -19.36 -3.27
C TYR B 227 -19.93 -18.05 -4.06
N TYR B 228 -20.96 -17.81 -4.88
CA TYR B 228 -20.97 -16.61 -5.70
C TYR B 228 -22.32 -15.89 -5.61
N GLY B 229 -22.36 -14.79 -4.87
CA GLY B 229 -23.59 -14.06 -4.65
C GLY B 229 -23.75 -13.59 -3.22
N HIS B 230 -23.60 -12.29 -3.01
CA HIS B 230 -23.72 -11.64 -1.69
C HIS B 230 -22.66 -12.07 -0.67
N VAL B 231 -22.42 -11.17 0.29
CA VAL B 231 -21.46 -11.36 1.37
C VAL B 231 -21.95 -12.34 2.43
N ASP B 232 -22.08 -11.83 3.66
CA ASP B 232 -22.59 -12.58 4.79
C ASP B 232 -22.96 -11.64 5.93
N VAL B 233 -22.05 -10.71 6.25
CA VAL B 233 -22.26 -9.74 7.33
C VAL B 233 -23.14 -8.59 6.86
N LEU B 234 -24.33 -8.48 7.43
CA LEU B 234 -25.25 -7.39 7.08
C LEU B 234 -24.69 -6.03 7.51
N GLY B 235 -24.91 -5.00 6.69
CA GLY B 235 -24.44 -3.65 7.01
C GLY B 235 -25.25 -2.98 8.12
N TYR B 236 -24.62 -2.01 8.79
CA TYR B 236 -25.24 -1.27 9.90
C TYR B 236 -26.44 -0.46 9.43
N VAL B 237 -27.58 -0.60 10.11
CA VAL B 237 -28.81 0.00 9.61
C VAL B 237 -29.10 1.40 10.16
N GLY B 238 -28.28 1.87 11.11
CA GLY B 238 -28.47 3.18 11.69
C GLY B 238 -29.48 3.17 12.82
N ALA B 239 -29.45 4.21 13.65
CA ALA B 239 -30.24 4.22 14.88
C ALA B 239 -31.75 4.25 14.61
N TYR B 240 -32.16 4.95 13.57
CA TYR B 240 -33.58 5.15 13.30
C TYR B 240 -34.28 3.83 12.94
N THR B 241 -33.73 3.11 11.96
CA THR B 241 -34.23 1.78 11.61
C THR B 241 -34.24 0.80 12.79
N PHE B 242 -33.11 0.68 13.49
CA PHE B 242 -33.03 -0.17 14.66
C PHE B 242 -34.12 0.19 15.67
N ALA B 243 -34.34 1.51 15.83
CA ALA B 243 -35.42 2.00 16.69
C ALA B 243 -36.78 1.44 16.29
N GLN B 244 -37.06 1.44 14.99
CA GLN B 244 -38.33 0.94 14.48
C GLN B 244 -38.47 -0.54 14.75
N HIS B 245 -37.39 -1.28 14.57
CA HIS B 245 -37.46 -2.72 14.76
C HIS B 245 -37.54 -3.03 16.24
N LEU B 246 -37.01 -2.12 17.07
CA LEU B 246 -37.11 -2.24 18.51
C LEU B 246 -38.59 -2.20 18.87
N GLN B 247 -39.34 -1.45 18.06
CA GLN B 247 -40.78 -1.30 18.24
C GLN B 247 -41.55 -2.50 17.66
N GLN B 248 -41.21 -2.88 16.44
CA GLN B 248 -42.02 -3.83 15.68
C GLN B 248 -41.63 -5.29 15.88
N ARG B 249 -40.36 -5.57 16.13
CA ARG B 249 -39.90 -6.97 16.16
C ARG B 249 -39.52 -7.47 17.55
N LEU B 250 -38.76 -6.68 18.31
CA LEU B 250 -38.22 -7.15 19.58
C LEU B 250 -39.27 -7.70 20.57
N PRO B 251 -40.43 -7.01 20.73
CA PRO B 251 -41.43 -7.48 21.70
C PRO B 251 -41.79 -8.97 21.57
N ARG B 252 -41.76 -9.49 20.34
CA ARG B 252 -42.01 -10.90 20.12
C ARG B 252 -40.95 -11.81 20.73
N TYR B 253 -39.72 -11.29 20.85
CA TYR B 253 -38.59 -12.12 21.29
C TYR B 253 -37.94 -11.67 22.59
N GLU B 254 -38.32 -10.48 23.08
CA GLU B 254 -37.63 -9.89 24.23
C GLU B 254 -37.62 -10.83 25.42
N SER B 255 -38.75 -11.49 25.65
CA SER B 255 -38.91 -12.43 26.76
C SER B 255 -37.92 -13.61 26.65
N HIS B 256 -37.71 -14.11 25.44
CA HIS B 256 -36.73 -15.18 25.21
C HIS B 256 -35.30 -14.72 25.50
N PHE B 257 -34.94 -13.54 24.99
CA PHE B 257 -33.61 -12.97 25.27
C PHE B 257 -33.39 -12.79 26.77
N LYS B 258 -34.41 -12.31 27.48
CA LYS B 258 -34.24 -12.10 28.92
C LYS B 258 -34.10 -13.42 29.67
N GLN B 259 -34.91 -14.41 29.30
CA GLN B 259 -34.81 -15.73 29.91
C GLN B 259 -33.41 -16.32 29.70
N SER B 260 -32.92 -16.27 28.46
CA SER B 260 -31.58 -16.77 28.16
C SER B 260 -30.50 -16.01 28.93
N GLY B 261 -30.59 -14.69 28.96
CA GLY B 261 -29.66 -13.91 29.77
C GLY B 261 -29.62 -14.37 31.22
N LYS B 262 -30.79 -14.63 31.79
CA LYS B 262 -30.86 -15.01 33.20
C LYS B 262 -30.28 -16.40 33.41
N GLN B 263 -30.54 -17.30 32.46
CA GLN B 263 -30.03 -18.66 32.56
C GLN B 263 -28.50 -18.76 32.35
N LYS B 264 -27.92 -17.90 31.50
CA LYS B 264 -26.46 -17.94 31.30
C LYS B 264 -25.74 -16.98 32.21
N ASP B 265 -26.47 -16.31 33.09
CA ASP B 265 -25.89 -15.27 33.92
C ASP B 265 -25.17 -14.24 33.06
N THR B 266 -25.89 -13.69 32.08
CA THR B 266 -25.29 -12.72 31.15
C THR B 266 -26.32 -11.69 30.70
N ASP B 267 -25.82 -10.54 30.27
CA ASP B 267 -26.65 -9.38 29.88
C ASP B 267 -27.50 -9.68 28.63
N TRP B 268 -28.82 -9.64 28.78
CA TRP B 268 -29.70 -10.08 27.70
C TRP B 268 -29.66 -9.14 26.49
N ARG B 269 -29.26 -7.90 26.73
CA ARG B 269 -29.24 -6.90 25.66
C ARG B 269 -28.14 -7.14 24.61
N LEU B 270 -27.02 -7.71 25.05
CA LEU B 270 -25.97 -8.10 24.12
C LEU B 270 -26.45 -9.27 23.25
N LEU B 271 -27.19 -10.20 23.88
CA LEU B 271 -27.71 -11.36 23.16
C LEU B 271 -28.68 -10.87 22.07
N ALA B 272 -29.54 -9.91 22.43
CA ALA B 272 -30.47 -9.34 21.46
C ALA B 272 -29.75 -8.61 20.33
N ALA B 273 -28.64 -7.93 20.65
CA ALA B 273 -27.86 -7.22 19.63
C ALA B 273 -27.25 -8.22 18.63
N ILE B 274 -26.74 -9.34 19.13
CA ILE B 274 -26.23 -10.38 18.21
C ILE B 274 -27.36 -10.86 17.28
N GLY B 275 -28.54 -11.10 17.86
CA GLY B 275 -29.68 -11.55 17.08
C GLY B 275 -30.07 -10.58 15.98
N TYR B 276 -29.96 -9.29 16.27
CA TYR B 276 -30.34 -8.31 15.27
C TYR B 276 -29.32 -8.30 14.14
N GLN B 277 -28.05 -8.27 14.50
CA GLN B 277 -27.00 -8.30 13.47
C GLN B 277 -27.10 -9.57 12.59
N GLU B 278 -27.49 -10.70 13.18
CA GLU B 278 -27.52 -11.97 12.43
C GLU B 278 -28.73 -12.11 11.50
N SER B 279 -29.91 -11.70 11.97
CA SER B 279 -31.14 -11.95 11.22
C SER B 279 -32.13 -10.78 11.26
N LEU B 280 -31.72 -9.68 11.90
CA LEU B 280 -32.61 -8.55 12.15
C LEU B 280 -33.87 -9.01 12.93
N TRP B 281 -33.68 -10.01 13.77
CA TRP B 281 -34.76 -10.59 14.58
C TRP B 281 -35.83 -11.23 13.69
N GLN B 282 -35.39 -12.12 12.80
CA GLN B 282 -36.29 -12.88 11.94
C GLN B 282 -36.06 -14.37 12.15
N PRO B 283 -37.01 -15.06 12.79
CA PRO B 283 -36.78 -16.45 13.21
C PRO B 283 -36.72 -17.46 12.06
N GLY B 284 -37.23 -17.09 10.88
CA GLY B 284 -37.26 -17.99 9.76
C GLY B 284 -36.09 -17.82 8.80
N ALA B 285 -35.24 -16.84 9.09
CA ALA B 285 -34.08 -16.51 8.26
C ALA B 285 -33.27 -17.74 7.86
N THR B 286 -32.91 -17.78 6.58
CA THR B 286 -32.20 -18.93 6.03
C THR B 286 -31.16 -18.46 5.02
N SER B 287 -29.95 -18.99 5.14
CA SER B 287 -28.91 -18.68 4.17
C SER B 287 -28.66 -19.91 3.31
N LYS B 288 -27.92 -19.71 2.22
CA LYS B 288 -27.55 -20.83 1.35
C LYS B 288 -26.30 -21.52 1.87
N THR B 289 -25.80 -21.06 3.01
CA THR B 289 -24.50 -21.48 3.52
C THR B 289 -24.42 -22.89 4.13
N GLY B 290 -25.40 -23.35 4.90
CA GLY B 290 -26.64 -22.65 5.20
C GLY B 290 -26.97 -22.59 6.69
N VAL B 291 -26.87 -21.40 7.24
CA VAL B 291 -27.27 -21.15 8.62
C VAL B 291 -28.76 -20.86 8.64
N ARG B 292 -29.44 -21.17 9.75
CA ARG B 292 -30.85 -20.84 9.86
C ARG B 292 -31.23 -20.31 11.23
N GLY B 293 -32.24 -19.45 11.26
CA GLY B 293 -32.88 -19.08 12.50
C GLY B 293 -32.44 -17.73 13.00
N LEU B 294 -33.06 -17.31 14.10
CA LEU B 294 -32.84 -15.96 14.64
C LEU B 294 -31.36 -15.67 14.90
N MSE B 295 -30.64 -16.65 15.46
CA MSE B 295 -29.22 -16.47 15.75
C MSE B 295 -28.34 -17.05 14.64
O MSE B 295 -27.11 -17.03 14.76
CB MSE B 295 -28.88 -17.10 17.10
CG MSE B 295 -29.67 -16.56 18.26
SE MSE B 295 -29.18 -14.68 18.69
CE MSE B 295 -27.61 -15.01 19.82
N MSE B 296 -28.96 -17.53 13.56
CA MSE B 296 -28.26 -18.07 12.39
C MSE B 296 -27.24 -19.15 12.76
O MSE B 296 -26.04 -18.95 12.66
CB MSE B 296 -27.60 -16.95 11.61
CG MSE B 296 -28.59 -15.94 11.03
SE MSE B 296 -29.66 -16.78 9.58
CE MSE B 296 -28.93 -15.75 8.06
N LEU B 297 -27.75 -20.29 13.20
CA LEU B 297 -26.94 -21.41 13.65
C LEU B 297 -26.72 -22.42 12.52
N THR B 298 -25.54 -23.02 12.50
CA THR B 298 -25.35 -24.21 11.68
C THR B 298 -26.02 -25.39 12.35
N ASN B 299 -26.22 -26.46 11.60
CA ASN B 299 -26.86 -27.64 12.18
C ASN B 299 -25.96 -28.26 13.25
N ARG B 300 -24.65 -28.27 12.99
CA ARG B 300 -23.72 -28.88 13.93
C ARG B 300 -23.65 -28.11 15.25
N THR B 301 -23.64 -26.77 15.16
CA THR B 301 -23.64 -25.95 16.35
C THR B 301 -24.96 -26.06 17.08
N ALA B 302 -26.07 -26.04 16.34
CA ALA B 302 -27.38 -26.19 16.96
C ALA B 302 -27.46 -27.52 17.71
N GLN B 303 -26.98 -28.58 17.09
CA GLN B 303 -27.02 -29.89 17.75
C GLN B 303 -26.12 -29.91 18.99
N ALA B 304 -24.95 -29.28 18.91
CA ALA B 304 -24.04 -29.19 20.05
C ALA B 304 -24.68 -28.43 21.20
N MSE B 305 -25.51 -27.45 20.88
CA MSE B 305 -26.09 -26.57 21.89
C MSE B 305 -27.42 -27.10 22.41
O MSE B 305 -28.04 -26.48 23.29
CB MSE B 305 -26.28 -25.16 21.33
CG MSE B 305 -25.00 -24.42 20.97
SE MSE B 305 -23.75 -24.22 22.48
CE MSE B 305 -22.48 -25.63 21.97
N GLY B 306 -27.86 -28.22 21.87
CA GLY B 306 -29.11 -28.84 22.31
C GLY B 306 -30.36 -28.22 21.70
N VAL B 307 -30.24 -27.75 20.46
CA VAL B 307 -31.36 -27.15 19.74
C VAL B 307 -32.05 -28.16 18.83
N SER B 308 -33.32 -28.45 19.11
CA SER B 308 -34.10 -29.43 18.35
C SER B 308 -34.63 -28.85 17.04
N ASN B 309 -34.94 -27.56 17.08
CA ASN B 309 -35.56 -26.85 15.97
C ASN B 309 -34.98 -25.46 15.82
N ARG B 310 -34.08 -25.30 14.86
CA ARG B 310 -33.41 -24.03 14.63
C ARG B 310 -34.38 -22.89 14.30
N LEU B 311 -35.60 -23.22 13.88
CA LEU B 311 -36.53 -22.15 13.49
C LEU B 311 -37.42 -21.75 14.66
N ASP B 312 -37.31 -22.46 15.77
CA ASP B 312 -37.96 -22.01 16.98
C ASP B 312 -37.16 -20.83 17.55
N PRO B 313 -37.79 -19.65 17.65
CA PRO B 313 -37.12 -18.44 18.15
C PRO B 313 -36.47 -18.66 19.52
N LYS B 314 -37.23 -19.26 20.44
CA LYS B 314 -36.76 -19.47 21.81
C LYS B 314 -35.53 -20.39 21.84
N GLN B 315 -35.58 -21.47 21.06
CA GLN B 315 -34.45 -22.39 21.01
C GLN B 315 -33.24 -21.79 20.31
N SER B 316 -33.48 -21.04 19.23
CA SER B 316 -32.37 -20.41 18.52
C SER B 316 -31.66 -19.43 19.44
N ILE B 317 -32.45 -18.61 20.12
CA ILE B 317 -31.93 -17.62 21.03
C ILE B 317 -31.13 -18.30 22.14
N GLN B 318 -31.70 -19.35 22.74
CA GLN B 318 -30.98 -20.06 23.80
C GLN B 318 -29.68 -20.69 23.28
N GLY B 319 -29.77 -21.34 22.11
CA GLY B 319 -28.62 -22.01 21.52
C GLY B 319 -27.49 -21.07 21.11
N GLY B 320 -27.82 -20.00 20.38
CA GLY B 320 -26.82 -19.05 19.93
C GLY B 320 -26.23 -18.30 21.13
N SER B 321 -27.05 -18.02 22.13
CA SER B 321 -26.56 -17.34 23.34
C SER B 321 -25.61 -18.24 24.11
N LYS B 322 -25.98 -19.51 24.28
CA LYS B 322 -25.08 -20.44 24.98
C LYS B 322 -23.74 -20.58 24.27
N TYR B 323 -23.80 -20.54 22.94
CA TYR B 323 -22.62 -20.67 22.11
C TYR B 323 -21.72 -19.46 22.33
N PHE B 324 -22.34 -18.29 22.33
CA PHE B 324 -21.61 -17.07 22.56
C PHE B 324 -20.94 -17.10 23.93
N VAL B 325 -21.70 -17.46 24.96
CA VAL B 325 -21.16 -17.40 26.31
C VAL B 325 -20.06 -18.45 26.50
N GLN B 326 -20.20 -19.59 25.85
CA GLN B 326 -19.20 -20.63 25.90
C GLN B 326 -17.88 -20.14 25.27
N ILE B 327 -17.99 -19.50 24.11
CA ILE B 327 -16.83 -18.90 23.46
C ILE B 327 -16.15 -17.90 24.38
N ARG B 328 -16.94 -17.05 25.01
CA ARG B 328 -16.37 -16.02 25.87
C ARG B 328 -15.68 -16.65 27.10
N SER B 329 -16.30 -17.66 27.68
CA SER B 329 -15.74 -18.36 28.83
C SER B 329 -14.37 -18.97 28.53
N GLU B 330 -14.17 -19.37 27.28
CA GLU B 330 -12.97 -20.13 26.93
C GLU B 330 -11.75 -19.27 26.62
N LEU B 331 -11.95 -17.98 26.42
CA LEU B 331 -10.84 -17.06 26.15
C LEU B 331 -9.86 -17.05 27.32
N PRO B 332 -8.58 -16.77 27.03
CA PRO B 332 -7.59 -16.69 28.11
C PRO B 332 -7.98 -15.66 29.17
N GLU B 333 -7.58 -15.88 30.42
CA GLU B 333 -7.89 -14.99 31.53
C GLU B 333 -7.28 -13.60 31.37
N SER B 334 -6.28 -13.51 30.49
CA SER B 334 -5.60 -12.25 30.27
C SER B 334 -6.54 -11.24 29.62
N ILE B 335 -7.65 -11.71 29.06
CA ILE B 335 -8.59 -10.82 28.40
C ILE B 335 -9.73 -10.47 29.35
N LYS B 336 -9.83 -9.19 29.70
CA LYS B 336 -10.79 -8.76 30.71
C LYS B 336 -11.96 -8.05 30.04
N GLU B 337 -13.11 -8.01 30.72
CA GLU B 337 -14.27 -7.25 30.23
C GLU B 337 -13.95 -5.76 30.28
N PRO B 338 -14.50 -4.99 29.33
CA PRO B 338 -15.44 -5.41 28.28
C PRO B 338 -14.79 -6.01 27.02
N ASP B 339 -13.48 -5.86 26.86
CA ASP B 339 -12.81 -6.39 25.68
C ASP B 339 -13.13 -7.86 25.50
N ARG B 340 -13.26 -8.57 26.62
CA ARG B 340 -13.53 -10.00 26.59
C ARG B 340 -14.79 -10.30 25.78
N SER B 341 -15.82 -9.47 25.93
CA SER B 341 -17.03 -9.65 25.14
C SER B 341 -16.81 -9.31 23.67
N TRP B 342 -15.99 -8.31 23.40
CA TRP B 342 -15.75 -7.92 22.02
C TRP B 342 -14.94 -9.01 21.30
N PHE B 343 -13.92 -9.53 21.97
CA PHE B 343 -13.19 -10.70 21.44
C PHE B 343 -14.14 -11.85 21.18
N ALA B 344 -15.05 -12.08 22.12
CA ALA B 344 -15.99 -13.20 21.96
C ALA B 344 -16.91 -12.99 20.77
N LEU B 345 -17.35 -11.75 20.55
CA LEU B 345 -18.11 -11.44 19.34
C LEU B 345 -17.29 -11.73 18.09
N ALA B 346 -16.02 -11.33 18.11
CA ALA B 346 -15.14 -11.60 16.97
C ALA B 346 -15.06 -13.10 16.71
N ALA B 347 -14.83 -13.89 17.74
CA ALA B 347 -14.70 -15.35 17.56
C ALA B 347 -16.01 -15.96 17.08
N TYR B 348 -17.12 -15.39 17.55
CA TYR B 348 -18.46 -15.84 17.14
C TYR B 348 -18.58 -15.77 15.62
N ASN B 349 -18.01 -14.72 15.05
CA ASN B 349 -18.08 -14.52 13.60
C ASN B 349 -16.95 -15.23 12.83
N ILE B 350 -15.72 -15.12 13.31
CA ILE B 350 -14.57 -15.54 12.52
C ILE B 350 -13.98 -16.87 12.99
N GLY B 351 -14.39 -17.32 14.18
CA GLY B 351 -13.82 -18.52 14.78
C GLY B 351 -12.62 -18.24 15.68
N GLY B 352 -12.44 -19.08 16.68
CA GLY B 352 -11.33 -18.90 17.63
C GLY B 352 -9.95 -18.99 16.98
N ALA B 353 -9.82 -19.85 15.96
CA ALA B 353 -8.52 -20.04 15.32
C ALA B 353 -7.96 -18.76 14.68
N HIS B 354 -8.76 -18.13 13.84
CA HIS B 354 -8.35 -16.85 13.24
C HIS B 354 -8.14 -15.76 14.29
N LEU B 355 -8.99 -15.73 15.31
CA LEU B 355 -8.81 -14.73 16.36
C LEU B 355 -7.47 -14.95 17.06
N GLU B 356 -7.16 -16.21 17.33
CA GLU B 356 -5.88 -16.58 17.94
C GLU B 356 -4.73 -16.09 17.07
N ASP B 357 -4.83 -16.32 15.76
CA ASP B 357 -3.79 -15.81 14.84
C ASP B 357 -3.68 -14.29 14.91
N ALA B 358 -4.81 -13.60 15.01
CA ALA B 358 -4.78 -12.14 15.09
C ALA B 358 -4.14 -11.70 16.39
N ARG B 359 -4.42 -12.40 17.49
CA ARG B 359 -3.76 -12.07 18.74
C ARG B 359 -2.24 -12.31 18.67
N LYS B 360 -1.84 -13.44 18.09
CA LYS B 360 -0.40 -13.69 17.91
C LYS B 360 0.25 -12.59 17.06
N MSE B 361 -0.45 -12.16 16.03
CA MSE B 361 0.05 -11.10 15.16
C MSE B 361 0.19 -9.84 15.96
O MSE B 361 1.21 -9.20 15.87
CB MSE B 361 -0.85 -10.92 13.91
CG MSE B 361 -0.55 -9.68 13.10
SE MSE B 361 -1.65 -9.54 11.47
CE MSE B 361 -1.43 -11.37 10.86
N ALA B 362 -0.81 -9.47 16.73
CA ALA B 362 -0.77 -8.29 17.57
C ALA B 362 0.48 -8.28 18.45
N GLU B 363 0.76 -9.42 19.08
CA GLU B 363 1.91 -9.51 19.97
C GLU B 363 3.22 -9.30 19.21
N LYS B 364 3.32 -9.93 18.03
CA LYS B 364 4.50 -9.85 17.18
C LYS B 364 4.70 -8.42 16.68
N GLU B 365 3.63 -7.63 16.66
CA GLU B 365 3.67 -6.25 16.20
C GLU B 365 3.90 -5.27 17.35
N GLY B 366 4.14 -5.81 18.55
CA GLY B 366 4.37 -4.97 19.72
C GLY B 366 3.10 -4.36 20.27
N LEU B 367 1.95 -4.89 19.88
CA LEU B 367 0.66 -4.43 20.39
C LEU B 367 0.19 -5.34 21.53
N ASN B 368 -0.95 -5.00 22.13
CA ASN B 368 -1.46 -5.77 23.25
C ASN B 368 -2.50 -6.79 22.78
N PRO B 369 -2.18 -8.10 22.87
CA PRO B 369 -3.08 -9.13 22.32
C PRO B 369 -4.38 -9.29 23.15
N ASN B 370 -4.43 -8.58 24.26
CA ASN B 370 -5.61 -8.62 25.14
C ASN B 370 -6.50 -7.37 25.06
N LYS B 371 -6.16 -6.44 24.16
CA LYS B 371 -6.96 -5.24 23.96
C LYS B 371 -7.63 -5.27 22.61
N TRP B 372 -8.94 -5.10 22.59
CA TRP B 372 -9.68 -5.19 21.34
C TRP B 372 -9.24 -4.09 20.39
N LEU B 373 -8.93 -2.91 20.94
CA LEU B 373 -8.47 -1.81 20.09
C LEU B 373 -7.27 -2.23 19.24
N ASP B 374 -6.36 -3.01 19.82
CA ASP B 374 -5.17 -3.44 19.12
C ASP B 374 -5.48 -4.62 18.17
N VAL B 375 -6.20 -5.61 18.66
CA VAL B 375 -6.44 -6.81 17.84
C VAL B 375 -7.38 -6.52 16.66
N LYS B 376 -8.30 -5.55 16.79
CA LYS B 376 -9.17 -5.24 15.65
C LYS B 376 -8.39 -4.67 14.47
N LYS B 377 -7.22 -4.10 14.74
CA LYS B 377 -6.37 -3.57 13.68
C LYS B 377 -5.67 -4.70 12.93
N MSE B 378 -5.49 -5.82 13.61
CA MSE B 378 -4.84 -6.96 12.98
C MSE B 378 -5.80 -7.79 12.10
O MSE B 378 -5.38 -8.35 11.09
CB MSE B 378 -4.25 -7.87 14.07
CG MSE B 378 -3.12 -7.22 14.85
SE MSE B 378 -1.63 -6.67 13.77
CE MSE B 378 -0.98 -8.46 13.28
N LEU B 379 -7.07 -7.88 12.49
CA LEU B 379 -8.02 -8.73 11.75
C LEU B 379 -8.08 -8.46 10.23
N PRO B 380 -8.13 -7.18 9.81
CA PRO B 380 -8.18 -6.92 8.37
C PRO B 380 -6.92 -7.39 7.61
N ARG B 381 -5.79 -7.53 8.31
CA ARG B 381 -4.57 -8.02 7.65
C ARG B 381 -4.72 -9.49 7.26
N LEU B 382 -5.68 -10.18 7.86
CA LEU B 382 -5.85 -11.60 7.54
C LEU B 382 -6.31 -11.78 6.09
N ALA B 383 -6.68 -10.70 5.42
CA ALA B 383 -7.09 -10.81 4.01
C ALA B 383 -5.96 -10.46 3.04
N GLN B 384 -4.78 -10.17 3.59
N GLN B 384 -4.77 -10.20 3.59
CA GLN B 384 -3.61 -9.80 2.77
CA GLN B 384 -3.61 -9.83 2.79
C GLN B 384 -2.55 -10.90 2.90
C GLN B 384 -2.53 -10.89 2.91
N LYS B 385 -2.15 -11.48 1.78
CA LYS B 385 -1.27 -12.64 1.80
C LYS B 385 0.07 -12.38 2.49
N GLN B 386 0.62 -11.19 2.30
CA GLN B 386 1.90 -10.84 2.94
C GLN B 386 1.79 -11.07 4.45
N TRP B 387 0.60 -10.86 5.01
CA TRP B 387 0.39 -11.12 6.43
C TRP B 387 -0.15 -12.53 6.69
N TYR B 388 -1.21 -12.95 6.00
CA TYR B 388 -1.86 -14.17 6.45
C TYR B 388 -1.02 -15.41 6.15
N ALA B 389 -0.08 -15.30 5.22
CA ALA B 389 0.79 -16.43 4.92
C ALA B 389 1.73 -16.72 6.09
N LYS B 390 1.88 -15.76 7.00
CA LYS B 390 2.75 -15.96 8.17
C LYS B 390 1.96 -16.52 9.35
N THR B 391 0.67 -16.77 9.16
CA THR B 391 -0.18 -17.28 10.24
C THR B 391 -0.47 -18.76 10.05
N ARG B 392 -0.87 -19.42 11.12
CA ARG B 392 -1.18 -20.85 11.06
C ARG B 392 -2.48 -21.17 10.30
N TYR B 393 -3.50 -20.33 10.45
CA TYR B 393 -4.79 -20.66 9.83
C TYR B 393 -5.05 -19.85 8.55
N GLY B 394 -4.16 -18.92 8.23
CA GLY B 394 -4.20 -18.29 6.91
C GLY B 394 -5.30 -17.29 6.67
N TYR B 395 -5.73 -17.23 5.41
CA TYR B 395 -6.66 -16.21 4.93
C TYR B 395 -7.99 -16.16 5.71
N ALA B 396 -8.47 -14.93 5.96
CA ALA B 396 -9.85 -14.71 6.41
C ALA B 396 -10.26 -13.29 6.02
N ARG B 397 -11.55 -13.09 5.74
CA ARG B 397 -12.04 -11.76 5.40
C ARG B 397 -12.22 -10.97 6.69
N GLY B 398 -11.11 -10.65 7.35
CA GLY B 398 -11.14 -10.13 8.72
C GLY B 398 -11.81 -8.78 8.88
N GLY B 399 -11.83 -7.99 7.82
CA GLY B 399 -12.48 -6.70 7.85
C GLY B 399 -13.97 -6.84 8.11
N GLU B 400 -14.54 -7.92 7.59
CA GLU B 400 -15.97 -8.16 7.82
C GLU B 400 -16.24 -8.50 9.29
N THR B 401 -15.28 -9.12 9.95
CA THR B 401 -15.45 -9.43 11.38
C THR B 401 -15.41 -8.15 12.20
N VAL B 402 -14.52 -7.23 11.81
CA VAL B 402 -14.47 -5.94 12.48
C VAL B 402 -15.85 -5.26 12.38
N HIS B 403 -16.44 -5.28 11.18
CA HIS B 403 -17.76 -4.66 11.00
C HIS B 403 -18.82 -5.35 11.86
N PHE B 404 -18.77 -6.68 11.89
CA PHE B 404 -19.71 -7.44 12.71
C PHE B 404 -19.66 -6.99 14.18
N VAL B 405 -18.46 -6.91 14.74
CA VAL B 405 -18.30 -6.58 16.15
C VAL B 405 -18.74 -5.15 16.41
N GLN B 406 -18.33 -4.25 15.54
CA GLN B 406 -18.67 -2.86 15.80
CA GLN B 406 -18.67 -2.83 15.69
C GLN B 406 -20.18 -2.64 15.64
N ASN B 407 -20.81 -3.38 14.72
CA ASN B 407 -22.28 -3.29 14.58
C ASN B 407 -22.98 -3.80 15.84
N VAL B 408 -22.60 -4.98 16.30
CA VAL B 408 -23.24 -5.53 17.50
C VAL B 408 -23.07 -4.58 18.70
N ARG B 409 -21.89 -3.98 18.82
CA ARG B 409 -21.63 -3.05 19.91
C ARG B 409 -22.55 -1.82 19.83
N ARG B 410 -22.81 -1.35 18.62
CA ARG B 410 -23.69 -0.19 18.47
C ARG B 410 -25.10 -0.55 18.91
N TYR B 411 -25.61 -1.68 18.42
CA TYR B 411 -26.95 -2.12 18.79
C TYR B 411 -27.02 -2.30 20.31
N TYR B 412 -25.98 -2.90 20.88
CA TYR B 412 -25.93 -3.10 22.34
C TYR B 412 -25.99 -1.77 23.09
N ASP B 413 -25.19 -0.81 22.64
CA ASP B 413 -25.16 0.51 23.28
C ASP B 413 -26.53 1.17 23.24
N ILE B 414 -27.16 1.18 22.07
CA ILE B 414 -28.50 1.77 21.93
C ILE B 414 -29.53 1.08 22.84
N LEU B 415 -29.52 -0.25 22.84
CA LEU B 415 -30.42 -1.03 23.67
C LEU B 415 -30.18 -0.74 25.16
N THR B 416 -28.91 -0.55 25.53
CA THR B 416 -28.56 -0.24 26.91
C THR B 416 -29.09 1.14 27.28
N TRP B 417 -28.96 2.07 26.34
CA TRP B 417 -29.46 3.44 26.55
C TRP B 417 -30.98 3.47 26.67
N VAL B 418 -31.67 2.68 25.85
CA VAL B 418 -33.13 2.65 25.86
C VAL B 418 -33.67 2.00 27.14
N THR B 419 -32.90 1.07 27.69
CA THR B 419 -33.17 0.54 29.02
C THR B 419 -32.59 1.50 30.05
N GLN B 420 -32.42 1.05 31.29
CA GLN B 420 -31.92 1.92 32.36
C GLN B 420 -32.94 2.99 32.73
C1 EDO C . -8.00 17.81 -13.42
O1 EDO C . -8.09 18.33 -14.75
C2 EDO C . -9.00 16.67 -13.26
O2 EDO C . -10.31 17.25 -13.09
H11 EDO C . -8.20 18.59 -12.70
H12 EDO C . -6.99 17.43 -13.24
HO1 EDO C . -7.45 19.05 -14.86
H21 EDO C . -8.99 16.03 -14.14
H22 EDO C . -8.75 16.07 -12.39
HO2 EDO C . -10.96 16.55 -12.98
C1 EDO D . 8.69 19.96 -0.04
O1 EDO D . 9.83 19.34 0.57
C2 EDO D . 7.76 20.46 1.05
O2 EDO D . 8.53 21.01 2.12
H11 EDO D . 9.00 20.79 -0.67
H12 EDO D . 8.17 19.23 -0.67
HO1 EDO D . 10.44 19.02 -0.12
H21 EDO D . 7.10 21.24 0.64
H22 EDO D . 7.13 19.65 1.41
HO2 EDO D . 7.95 21.33 2.82
C1 EDO E . -16.35 -14.38 7.26
O1 EDO E . -15.83 -15.19 8.32
C2 EDO E . -16.31 -12.93 7.70
O2 EDO E . -15.05 -12.70 8.35
H11 EDO E . -15.76 -14.51 6.35
H12 EDO E . -17.39 -14.68 7.04
HO1 EDO E . -15.84 -16.11 8.05
H21 EDO E . -16.41 -12.26 6.83
H22 EDO E . -17.14 -12.72 8.39
HO2 EDO E . -15.00 -11.78 8.64
C1 EDO F . -20.55 -7.24 28.13
O1 EDO F . -21.67 -6.36 28.01
C2 EDO F . -19.30 -6.46 28.45
O2 EDO F . -19.60 -5.06 28.45
H11 EDO F . -20.76 -7.97 28.92
H12 EDO F . -20.42 -7.80 27.20
HO1 EDO F . -22.46 -6.86 27.80
H21 EDO F . -18.92 -6.75 29.44
H22 EDO F . -18.52 -6.67 27.72
HO2 EDO F . -18.81 -4.55 28.65
C1 EDO G . -3.92 -22.53 5.61
O1 EDO G . -3.23 -22.97 4.44
C2 EDO G . -5.31 -23.12 5.50
O2 EDO G . -6.14 -22.50 6.48
H11 EDO G . -3.97 -21.44 5.64
H12 EDO G . -3.42 -22.89 6.51
HO1 EDO G . -2.33 -22.63 4.46
H21 EDO G . -5.72 -22.93 4.50
H22 EDO G . -5.28 -24.20 5.67
HO2 EDO G . -7.03 -22.86 6.43
C1 EDO H . 3.76 -23.33 11.96
O1 EDO H . 5.12 -23.32 12.38
C2 EDO H . 3.11 -21.97 12.24
O2 EDO H . 1.68 -22.07 12.13
H11 EDO H . 3.70 -23.55 10.90
H12 EDO H . 3.21 -24.11 12.50
HO1 EDO H . 5.52 -24.18 12.20
H21 EDO H . 3.37 -21.64 13.25
H22 EDO H . 3.49 -21.23 11.53
HO2 EDO H . 1.29 -21.20 12.31
C1 EDO I . -0.43 -14.37 21.05
O1 EDO I . -0.35 -15.46 21.96
C2 EDO I . -0.83 -13.15 21.85
O2 EDO I . -0.40 -13.35 23.19
H11 EDO I . 0.54 -14.20 20.58
H12 EDO I . -1.17 -14.58 20.28
HO1 EDO I . -0.10 -16.27 21.48
H21 EDO I . -0.35 -12.26 21.43
H22 EDO I . -1.92 -13.01 21.82
HO2 EDO I . -0.64 -12.59 23.73
#